data_9ILN
#
_entry.id   9ILN
#
_cell.length_a   48.505
_cell.length_b   91.967
_cell.length_c   164.079
_cell.angle_alpha   90.000
_cell.angle_beta   90.000
_cell.angle_gamma   90.000
#
_symmetry.space_group_name_H-M   'P 21 21 21'
#
loop_
_entity.id
_entity.type
_entity.pdbx_description
1 polymer 'Poly [ADP-ribose] polymerase 1, processed C-terminus'
2 non-polymer 5-ethyl-1-[[3-[(3~{R})-4-ethyl-3-(2-hydroxyethyl)piperazin-1-yl]carbonyl-4-fluoranyl-phenyl]methyl]pyrimidine-2,4-dione
3 non-polymer 'SULFATE ION'
4 water water
#
_entity_poly.entity_id   1
_entity_poly.type   'polypeptide(L)'
_entity_poly.pdbx_seq_one_letter_code
;GPMTKSKLPKPVQDLIKMIFDVESMKKAMVEYEIDLQKMPLGKLSKRQIQAAYSILSEVQQAVSQGSSDSQILDLSNRFY
TLIPHDFGMKKPPLLNNADSVQAKAEMLDNLLDIEVAYSLLRGGSDDSSKDPIDVNYEKLKTDIKVVDRDSEEAEIIRKY
VKNTHATTHNAYDLEVIDIFKIEREGECQRYKPFKQLHNRRLLWHGSRTTNFAGILSQGLRIAPPEAPVTGYMFGKGIYF
ADMVSKSANYCHTSQGDPIGLILLGEVALGNMYELKHASHISKLPKGKHSVKGLGKTTPDPSANISLDGVDVPLGTGISS
GVNDTSLLYNEYIVYDIAQVNLKYLLKLKFNFKT
;
_entity_poly.pdbx_strand_id   A,B
#
loop_
_chem_comp.id
_chem_comp.type
_chem_comp.name
_chem_comp.formula
A1D9M non-polymer 5-ethyl-1-[[3-[(3~{R})-4-ethyl-3-(2-hydroxyethyl)piperazin-1-yl]carbonyl-4-fluoranyl-phenyl]methyl]pyrimidine-2,4-dione 'C22 H29 F N4 O4'
SO4 non-polymer 'SULFATE ION' 'O4 S -2'
#
# COMPACT_ATOMS: atom_id res chain seq x y z
N MET A 3 19.39 10.88 52.06
CA MET A 3 18.17 10.52 51.35
C MET A 3 17.14 11.64 51.44
N THR A 4 17.40 12.75 50.74
CA THR A 4 16.44 13.85 50.68
C THR A 4 15.21 13.42 49.89
N LYS A 5 14.09 13.33 50.56
CA LYS A 5 12.86 12.94 49.90
C LYS A 5 12.45 13.97 48.86
N SER A 6 11.90 13.49 47.75
CA SER A 6 11.59 14.36 46.62
C SER A 6 10.59 15.43 47.01
N LYS A 7 10.76 16.62 46.45
CA LYS A 7 9.80 17.71 46.61
C LYS A 7 8.93 17.91 45.38
N LEU A 8 9.00 17.00 44.42
CA LEU A 8 8.18 17.12 43.22
C LEU A 8 6.70 16.91 43.58
N PRO A 9 5.79 17.52 42.82
CA PRO A 9 4.36 17.32 43.09
C PRO A 9 4.00 15.85 43.00
N LYS A 10 3.08 15.43 43.88
CA LYS A 10 2.66 14.03 43.92
C LYS A 10 2.21 13.48 42.57
N PRO A 11 1.42 14.20 41.75
CA PRO A 11 1.09 13.64 40.42
C PRO A 11 2.29 13.42 39.53
N VAL A 12 3.32 14.27 39.64
CA VAL A 12 4.52 14.08 38.83
C VAL A 12 5.33 12.90 39.36
N GLN A 13 5.39 12.75 40.68
CA GLN A 13 6.08 11.60 41.27
C GLN A 13 5.42 10.29 40.84
N ASP A 14 4.08 10.26 40.82
CA ASP A 14 3.38 9.06 40.39
C ASP A 14 3.64 8.78 38.91
N LEU A 15 3.69 9.83 38.09
CA LEU A 15 4.02 9.65 36.69
C LEU A 15 5.40 9.04 36.51
N ILE A 16 6.37 9.46 37.33
CA ILE A 16 7.71 8.92 37.24
C ILE A 16 7.72 7.43 37.61
N LYS A 17 7.10 7.08 38.74
CA LYS A 17 7.04 5.69 39.16
C LYS A 17 6.40 4.82 38.09
N MET A 18 5.30 5.30 37.50
CA MET A 18 4.59 4.53 36.50
C MET A 18 5.41 4.35 35.22
N ILE A 19 6.25 5.32 34.89
CA ILE A 19 6.98 5.29 33.62
C ILE A 19 8.19 4.36 33.70
N PHE A 20 8.90 4.36 34.83
CA PHE A 20 10.13 3.59 34.95
C PHE A 20 9.90 2.24 35.61
N ASP A 21 8.66 1.77 35.66
CA ASP A 21 8.35 0.51 36.34
C ASP A 21 8.95 -0.65 35.56
N VAL A 22 9.98 -1.28 36.14
CA VAL A 22 10.62 -2.42 35.48
C VAL A 22 9.64 -3.58 35.33
N GLU A 23 8.77 -3.78 36.33
CA GLU A 23 7.83 -4.89 36.26
C GLU A 23 6.85 -4.71 35.12
N SER A 24 6.40 -3.48 34.86
CA SER A 24 5.54 -3.23 33.71
C SER A 24 6.25 -3.58 32.41
N MET A 25 7.55 -3.31 32.33
CA MET A 25 8.31 -3.69 31.15
C MET A 25 8.33 -5.20 30.96
N LYS A 26 8.34 -5.96 32.06
CA LYS A 26 8.32 -7.41 31.95
C LYS A 26 6.95 -7.92 31.53
N LYS A 27 5.87 -7.32 32.06
CA LYS A 27 4.54 -7.76 31.66
C LYS A 27 4.29 -7.49 30.18
N ALA A 28 4.80 -6.37 29.66
CA ALA A 28 4.65 -6.08 28.24
C ALA A 28 5.37 -7.10 27.37
N MET A 29 6.51 -7.61 27.85
CA MET A 29 7.23 -8.62 27.09
C MET A 29 6.52 -9.97 27.15
N VAL A 30 5.96 -10.30 28.32
CA VAL A 30 5.17 -11.52 28.45
C VAL A 30 3.91 -11.42 27.60
N GLU A 31 3.34 -10.23 27.47
CA GLU A 31 2.18 -10.02 26.60
C GLU A 31 2.44 -10.52 25.18
N TYR A 32 3.62 -10.23 24.64
CA TYR A 32 4.00 -10.68 23.31
C TYR A 32 4.43 -12.14 23.27
N GLU A 33 4.28 -12.87 24.38
CA GLU A 33 4.69 -14.27 24.47
C GLU A 33 6.19 -14.44 24.22
N ILE A 34 6.97 -13.51 24.74
CA ILE A 34 8.42 -13.56 24.66
C ILE A 34 8.95 -14.35 25.85
N ASP A 35 9.91 -15.23 25.59
CA ASP A 35 10.48 -16.09 26.63
C ASP A 35 11.41 -15.26 27.49
N LEU A 36 10.90 -14.79 28.64
CA LEU A 36 11.72 -14.00 29.55
C LEU A 36 12.75 -14.84 30.28
N GLN A 37 12.60 -16.17 30.28
CA GLN A 37 13.62 -17.02 30.89
C GLN A 37 14.81 -17.21 29.94
N LYS A 38 14.54 -17.37 28.65
CA LYS A 38 15.62 -17.45 27.67
C LYS A 38 16.19 -16.07 27.35
N MET A 39 15.38 -15.03 27.44
CA MET A 39 15.77 -13.68 27.06
C MET A 39 15.22 -12.70 28.09
N PRO A 40 15.90 -12.56 29.23
CA PRO A 40 15.43 -11.62 30.25
C PRO A 40 15.57 -10.17 29.80
N LEU A 41 14.88 -9.29 30.53
CA LEU A 41 14.86 -7.88 30.17
C LEU A 41 16.26 -7.28 30.08
N GLY A 42 17.18 -7.72 30.94
CA GLY A 42 18.54 -7.23 30.91
C GLY A 42 19.31 -7.62 29.67
N LYS A 43 18.94 -8.73 29.02
CA LYS A 43 19.63 -9.17 27.82
C LYS A 43 19.05 -8.60 26.53
N LEU A 44 17.93 -7.89 26.62
CA LEU A 44 17.35 -7.24 25.45
C LEU A 44 18.30 -6.16 24.94
N SER A 45 18.64 -6.23 23.66
CA SER A 45 19.70 -5.42 23.09
C SER A 45 19.21 -4.61 21.90
N LYS A 46 19.81 -3.43 21.72
CA LYS A 46 19.48 -2.57 20.60
C LYS A 46 19.82 -3.26 19.28
N ARG A 47 21.06 -3.73 19.14
CA ARG A 47 21.48 -4.37 17.90
C ARG A 47 20.71 -5.65 17.63
N GLN A 48 20.30 -6.36 18.69
CA GLN A 48 19.42 -7.51 18.51
C GLN A 48 18.11 -7.10 17.85
N ILE A 49 17.53 -5.99 18.30
CA ILE A 49 16.25 -5.55 17.75
C ILE A 49 16.41 -5.12 16.29
N GLN A 50 17.47 -4.37 15.98
CA GLN A 50 17.69 -3.96 14.59
C GLN A 50 17.94 -5.17 13.69
N ALA A 51 18.63 -6.18 14.20
CA ALA A 51 18.81 -7.41 13.42
C ALA A 51 17.46 -8.07 13.13
N ALA A 52 16.57 -8.09 14.13
CA ALA A 52 15.24 -8.64 13.92
C ALA A 52 14.47 -7.81 12.90
N TYR A 53 14.64 -6.49 12.93
CA TYR A 53 14.06 -5.63 11.90
C TYR A 53 14.54 -6.04 10.52
N SER A 54 15.83 -6.39 10.41
CA SER A 54 16.39 -6.77 9.11
C SER A 54 15.73 -8.02 8.56
N ILE A 55 15.42 -8.99 9.43
CA ILE A 55 14.75 -10.21 8.99
C ILE A 55 13.36 -9.88 8.46
N LEU A 56 12.63 -9.01 9.17
CA LEU A 56 11.34 -8.56 8.68
C LEU A 56 11.47 -7.93 7.30
N SER A 57 12.51 -7.12 7.09
CA SER A 57 12.73 -6.53 5.78
C SER A 57 13.09 -7.59 4.74
N GLU A 58 13.87 -8.60 5.15
CA GLU A 58 14.18 -9.69 4.24
C GLU A 58 12.93 -10.46 3.85
N VAL A 59 12.02 -10.68 4.80
CA VAL A 59 10.73 -11.30 4.47
C VAL A 59 9.97 -10.42 3.48
N GLN A 60 9.92 -9.11 3.75
CA GLN A 60 9.20 -8.19 2.88
C GLN A 60 9.68 -8.28 1.44
N GLN A 61 11.00 -8.37 1.24
CA GLN A 61 11.53 -8.44 -0.13
C GLN A 61 11.28 -9.82 -0.74
N ALA A 62 11.37 -10.88 0.07
CA ALA A 62 11.09 -12.21 -0.44
C ALA A 62 9.64 -12.33 -0.90
N VAL A 63 8.72 -11.74 -0.14
CA VAL A 63 7.31 -11.72 -0.56
C VAL A 63 7.14 -10.94 -1.86
N SER A 64 7.95 -9.90 -2.05
CA SER A 64 7.73 -8.98 -3.16
C SER A 64 8.28 -9.48 -4.49
N GLN A 65 9.25 -10.40 -4.48
CA GLN A 65 9.80 -10.92 -5.72
C GLN A 65 9.41 -12.37 -6.00
N GLY A 66 8.57 -12.96 -5.15
CA GLY A 66 8.23 -14.37 -5.29
C GLY A 66 9.30 -15.33 -4.82
N SER A 67 10.54 -14.85 -4.64
CA SER A 67 11.71 -15.57 -4.12
C SER A 67 11.48 -17.06 -3.92
N SER A 68 10.65 -17.38 -2.92
CA SER A 68 10.23 -18.72 -2.52
C SER A 68 9.64 -18.59 -1.12
N ASP A 69 8.54 -19.28 -0.86
CA ASP A 69 7.95 -19.22 0.48
C ASP A 69 8.70 -20.07 1.50
N SER A 70 9.62 -20.92 1.05
CA SER A 70 10.40 -21.71 2.00
C SER A 70 11.55 -20.90 2.60
N GLN A 71 12.15 -19.96 1.86
CA GLN A 71 13.02 -19.00 2.51
C GLN A 71 12.26 -18.24 3.58
N ILE A 72 11.04 -17.78 3.24
CA ILE A 72 10.18 -17.09 4.19
C ILE A 72 9.94 -17.95 5.42
N LEU A 73 9.79 -19.27 5.21
CA LEU A 73 9.73 -20.20 6.34
C LEU A 73 11.03 -20.15 7.14
N ASP A 74 12.17 -20.18 6.45
CA ASP A 74 13.46 -20.14 7.13
C ASP A 74 13.66 -18.79 7.81
N LEU A 75 13.30 -17.70 7.15
CA LEU A 75 13.41 -16.39 7.78
C LEU A 75 12.52 -16.29 9.01
N SER A 76 11.30 -16.82 8.92
CA SER A 76 10.39 -16.81 10.06
C SER A 76 10.98 -17.60 11.22
N ASN A 77 11.54 -18.78 10.94
CA ASN A 77 12.19 -19.55 11.98
C ASN A 77 13.42 -18.82 12.52
N ARG A 78 14.14 -18.12 11.64
CA ARG A 78 15.28 -17.33 12.08
C ARG A 78 14.85 -16.21 13.01
N PHE A 79 13.69 -15.60 12.73
CA PHE A 79 13.17 -14.56 13.61
C PHE A 79 12.92 -15.10 15.00
N TYR A 80 12.27 -16.27 15.10
CA TYR A 80 11.97 -16.85 16.40
C TYR A 80 13.20 -17.39 17.11
N THR A 81 14.32 -17.56 16.40
CA THR A 81 15.58 -17.88 17.06
C THR A 81 16.24 -16.64 17.63
N LEU A 82 16.20 -15.54 16.89
CA LEU A 82 16.80 -14.30 17.37
C LEU A 82 16.06 -13.76 18.58
N ILE A 83 14.73 -13.67 18.51
CA ILE A 83 13.91 -13.25 19.63
C ILE A 83 13.20 -14.47 20.22
N PRO A 84 13.74 -15.07 21.29
CA PRO A 84 13.14 -16.30 21.81
C PRO A 84 11.75 -16.06 22.37
N HIS A 85 10.79 -16.83 21.88
CA HIS A 85 9.40 -16.76 22.32
C HIS A 85 9.06 -17.98 23.16
N ASP A 86 7.84 -17.99 23.69
CA ASP A 86 7.34 -19.15 24.42
C ASP A 86 5.82 -19.21 24.17
N PHE A 87 5.44 -20.03 23.20
CA PHE A 87 4.04 -20.23 22.86
C PHE A 87 3.47 -21.50 23.48
N GLY A 88 4.12 -22.03 24.51
CA GLY A 88 3.66 -23.23 25.18
C GLY A 88 3.52 -24.42 24.25
N MET A 89 2.28 -24.75 23.89
CA MET A 89 2.02 -25.87 22.99
C MET A 89 1.60 -25.43 21.60
N LYS A 90 1.10 -24.21 21.44
CA LYS A 90 0.59 -23.77 20.15
C LYS A 90 1.73 -23.53 19.17
N LYS A 91 1.38 -23.47 17.89
CA LYS A 91 2.35 -23.15 16.86
C LYS A 91 2.62 -21.64 16.87
N PRO A 92 3.89 -21.23 16.91
CA PRO A 92 4.19 -19.80 16.74
C PRO A 92 3.65 -19.28 15.43
N PRO A 93 3.07 -18.08 15.42
CA PRO A 93 2.51 -17.53 14.18
C PRO A 93 3.58 -17.39 13.10
N LEU A 94 3.26 -17.87 11.91
CA LEU A 94 4.19 -17.82 10.80
C LEU A 94 4.36 -16.39 10.29
N LEU A 95 5.48 -16.15 9.62
CA LEU A 95 5.80 -14.82 9.11
C LEU A 95 5.80 -14.82 7.58
N ASN A 96 4.66 -15.12 6.97
CA ASN A 96 4.60 -15.31 5.53
C ASN A 96 3.77 -14.29 4.78
N ASN A 97 3.03 -13.42 5.47
CA ASN A 97 2.18 -12.44 4.82
C ASN A 97 2.43 -11.07 5.44
N ALA A 98 1.84 -10.04 4.81
CA ALA A 98 2.07 -8.67 5.24
C ALA A 98 1.50 -8.41 6.64
N ASP A 99 0.42 -9.10 7.01
CA ASP A 99 -0.17 -8.89 8.33
C ASP A 99 0.81 -9.28 9.43
N SER A 100 1.45 -10.44 9.30
CA SER A 100 2.39 -10.89 10.32
C SER A 100 3.63 -10.00 10.36
N VAL A 101 4.05 -9.44 9.22
CA VAL A 101 5.18 -8.51 9.22
C VAL A 101 4.82 -7.25 9.99
N GLN A 102 3.58 -6.76 9.85
CA GLN A 102 3.15 -5.59 10.61
C GLN A 102 3.06 -5.91 12.09
N ALA A 103 2.57 -7.09 12.44
CA ALA A 103 2.43 -7.44 13.85
C ALA A 103 3.79 -7.50 14.55
N LYS A 104 4.78 -8.11 13.89
CA LYS A 104 6.11 -8.20 14.49
C LYS A 104 6.83 -6.85 14.46
N ALA A 105 6.59 -6.03 13.44
CA ALA A 105 7.17 -4.69 13.44
C ALA A 105 6.63 -3.87 14.61
N GLU A 106 5.33 -3.97 14.88
CA GLU A 106 4.76 -3.28 16.04
C GLU A 106 5.42 -3.74 17.34
N MET A 107 5.59 -5.06 17.49
CA MET A 107 6.23 -5.58 18.69
C MET A 107 7.67 -5.07 18.82
N LEU A 108 8.42 -5.08 17.71
CA LEU A 108 9.78 -4.56 17.76
C LEU A 108 9.79 -3.07 18.08
N ASP A 109 8.78 -2.33 17.62
CA ASP A 109 8.66 -0.92 18.00
C ASP A 109 8.58 -0.77 19.51
N ASN A 110 7.78 -1.62 20.17
CA ASN A 110 7.66 -1.55 21.62
C ASN A 110 8.91 -2.07 22.29
N LEU A 111 9.54 -3.11 21.73
CA LEU A 111 10.79 -3.61 22.28
C LEU A 111 11.89 -2.55 22.20
N LEU A 112 11.90 -1.79 21.11
CA LEU A 112 12.92 -0.75 20.95
C LEU A 112 12.80 0.31 22.04
N ASP A 113 11.57 0.76 22.34
CA ASP A 113 11.40 1.77 23.37
C ASP A 113 11.61 1.19 24.76
N ILE A 114 11.30 -0.10 24.96
CA ILE A 114 11.53 -0.74 26.25
C ILE A 114 13.03 -0.83 26.54
N GLU A 115 13.83 -1.17 25.53
CA GLU A 115 15.28 -1.19 25.71
C GLU A 115 15.81 0.20 26.06
N VAL A 116 15.27 1.24 25.42
CA VAL A 116 15.72 2.60 25.71
C VAL A 116 15.42 2.97 27.15
N ALA A 117 14.23 2.59 27.64
CA ALA A 117 13.86 2.91 29.02
C ALA A 117 14.79 2.21 30.01
N TYR A 118 15.00 0.91 29.83
CA TYR A 118 15.85 0.16 30.74
C TYR A 118 17.28 0.69 30.73
N SER A 119 17.80 1.02 29.55
CA SER A 119 19.15 1.57 29.44
C SER A 119 19.25 2.91 30.15
N LEU A 120 18.21 3.74 30.06
CA LEU A 120 18.16 4.98 30.82
C LEU A 120 18.31 4.71 32.31
N LEU A 121 17.53 3.75 32.81
CA LEU A 121 17.50 3.47 34.24
C LEU A 121 18.87 3.02 34.76
N ARG A 122 19.50 2.08 34.07
CA ARG A 122 20.75 1.49 34.52
C ARG A 122 21.98 2.25 34.05
N GLY A 123 21.82 3.51 33.63
CA GLY A 123 22.95 4.29 33.17
C GLY A 123 23.16 5.59 33.91
N GLY A 124 24.05 6.43 33.41
CA GLY A 124 24.31 7.71 34.06
C GLY A 124 25.01 7.52 35.39
N SER A 125 24.60 8.31 36.38
CA SER A 125 25.11 8.21 37.72
C SER A 125 23.98 7.89 38.69
N ASP A 126 24.36 7.39 39.87
CA ASP A 126 23.42 7.16 40.95
C ASP A 126 24.01 7.73 42.24
N ASP A 127 23.13 8.26 43.07
CA ASP A 127 23.52 8.98 44.28
C ASP A 127 22.64 8.51 45.42
N SER A 128 23.26 7.91 46.44
CA SER A 128 22.50 7.37 47.56
C SER A 128 21.69 8.46 48.27
N SER A 129 22.22 9.67 48.33
CA SER A 129 21.53 10.75 49.03
C SER A 129 20.34 11.30 48.26
N LYS A 130 20.07 10.79 47.05
CA LYS A 130 19.04 11.34 46.18
C LYS A 130 17.86 10.40 46.08
N ASP A 131 16.66 10.97 46.01
CA ASP A 131 15.45 10.19 45.78
C ASP A 131 15.54 9.54 44.40
N PRO A 132 15.27 8.23 44.29
CA PRO A 132 15.21 7.63 42.95
C PRO A 132 14.21 8.32 42.03
N ILE A 133 13.10 8.79 42.58
CA ILE A 133 12.14 9.57 41.79
C ILE A 133 12.80 10.83 41.27
N ASP A 134 13.65 11.46 42.10
CA ASP A 134 14.35 12.66 41.65
C ASP A 134 15.41 12.33 40.61
N VAL A 135 16.11 11.20 40.78
CA VAL A 135 17.12 10.79 39.81
C VAL A 135 16.47 10.40 38.49
N ASN A 136 15.38 9.64 38.55
CA ASN A 136 14.70 9.24 37.32
C ASN A 136 14.04 10.43 36.62
N TYR A 137 13.58 11.42 37.38
CA TYR A 137 13.01 12.60 36.76
C TYR A 137 14.05 13.34 35.92
N GLU A 138 15.26 13.50 36.44
CA GLU A 138 16.30 14.20 35.69
C GLU A 138 16.75 13.42 34.47
N LYS A 139 16.62 12.08 34.48
CA LYS A 139 16.97 11.30 33.30
C LYS A 139 16.06 11.61 32.13
N LEU A 140 14.83 12.06 32.41
CA LEU A 140 13.88 12.32 31.33
C LEU A 140 14.23 13.57 30.52
N LYS A 141 15.03 14.47 31.08
CA LYS A 141 15.46 15.68 30.38
C LYS A 141 14.26 16.52 29.93
N THR A 142 13.23 16.55 30.78
CA THR A 142 11.97 17.20 30.44
C THR A 142 11.44 17.92 31.66
N ASP A 143 10.95 19.15 31.45
CA ASP A 143 10.24 19.87 32.49
C ASP A 143 8.78 19.44 32.49
N ILE A 144 8.31 18.88 33.61
CA ILE A 144 6.95 18.41 33.73
C ILE A 144 6.27 19.21 34.83
N LYS A 145 5.18 19.89 34.47
CA LYS A 145 4.39 20.66 35.42
C LYS A 145 2.93 20.22 35.35
N VAL A 146 2.29 20.10 36.52
CA VAL A 146 0.88 19.78 36.56
C VAL A 146 0.06 21.00 36.15
N VAL A 147 -0.83 20.81 35.19
CA VAL A 147 -1.71 21.89 34.74
C VAL A 147 -2.86 22.04 35.73
N ASP A 148 -3.15 23.27 36.13
CA ASP A 148 -4.26 23.55 37.03
C ASP A 148 -5.57 23.10 36.42
N ARG A 149 -6.37 22.37 37.22
CA ARG A 149 -7.60 21.76 36.73
C ARG A 149 -8.60 22.81 36.24
N ASP A 150 -8.63 23.99 36.86
CA ASP A 150 -9.65 24.98 36.58
C ASP A 150 -9.26 25.98 35.50
N SER A 151 -8.07 25.84 34.91
CA SER A 151 -7.63 26.76 33.89
C SER A 151 -8.35 26.51 32.57
N GLU A 152 -8.12 27.40 31.60
CA GLU A 152 -8.73 27.24 30.29
C GLU A 152 -8.02 26.18 29.46
N GLU A 153 -6.74 25.94 29.71
CA GLU A 153 -6.03 24.84 29.06
C GLU A 153 -6.70 23.50 29.37
N ALA A 154 -6.99 23.25 30.64
CA ALA A 154 -7.64 21.99 31.03
C ALA A 154 -9.07 21.93 30.53
N GLU A 155 -9.76 23.07 30.49
CA GLU A 155 -11.12 23.09 29.95
C GLU A 155 -11.12 22.69 28.48
N ILE A 156 -10.20 23.26 27.71
CA ILE A 156 -10.09 22.90 26.29
C ILE A 156 -9.70 21.44 26.15
N ILE A 157 -8.71 21.00 26.94
CA ILE A 157 -8.22 19.62 26.82
C ILE A 157 -9.30 18.63 27.23
N ARG A 158 -10.03 18.91 28.31
CA ARG A 158 -11.13 18.03 28.71
C ARG A 158 -12.19 17.98 27.63
N LYS A 159 -12.52 19.12 27.02
CA LYS A 159 -13.51 19.14 25.96
C LYS A 159 -13.02 18.41 24.72
N TYR A 160 -11.71 18.47 24.45
CA TYR A 160 -11.14 17.65 23.39
C TYR A 160 -11.38 16.16 23.64
N VAL A 161 -11.15 15.72 24.89
CA VAL A 161 -11.36 14.32 25.24
C VAL A 161 -12.85 13.96 25.14
N LYS A 162 -13.72 14.86 25.60
CA LYS A 162 -15.14 14.53 25.73
C LYS A 162 -15.84 14.42 24.38
N ASN A 163 -15.41 15.20 23.40
CA ASN A 163 -16.15 15.31 22.15
C ASN A 163 -15.67 14.37 21.05
N THR A 164 -14.45 13.81 21.18
CA THR A 164 -13.84 13.06 20.09
C THR A 164 -13.65 11.59 20.44
N HIS A 165 -14.50 11.04 21.33
CA HIS A 165 -14.52 9.61 21.60
C HIS A 165 -15.54 8.97 20.68
N ALA A 166 -15.05 8.21 19.70
CA ALA A 166 -15.92 7.64 18.68
C ALA A 166 -16.85 6.58 19.27
N THR A 167 -18.05 6.50 18.68
CA THR A 167 -19.00 5.47 19.09
C THR A 167 -18.47 4.07 18.78
N THR A 168 -17.62 3.94 17.76
CA THR A 168 -17.03 2.65 17.42
C THR A 168 -16.21 2.10 18.58
N HIS A 169 -15.46 2.97 19.25
CA HIS A 169 -14.60 2.57 20.38
C HIS A 169 -15.42 2.54 21.68
N ASN A 170 -16.43 1.66 21.67
CA ASN A 170 -17.39 1.55 22.74
C ASN A 170 -16.93 0.66 23.89
N ALA A 171 -15.76 0.01 23.76
CA ALA A 171 -15.30 -0.90 24.79
C ALA A 171 -15.07 -0.22 26.12
N TYR A 172 -14.86 1.10 26.13
CA TYR A 172 -14.48 1.82 27.34
C TYR A 172 -14.89 3.27 27.20
N ASP A 173 -14.80 3.99 28.31
CA ASP A 173 -14.85 5.44 28.32
C ASP A 173 -13.64 5.96 29.08
N LEU A 174 -13.34 7.23 28.87
CA LEU A 174 -12.09 7.83 29.35
C LEU A 174 -12.37 8.87 30.43
N GLU A 175 -11.54 8.86 31.47
CA GLU A 175 -11.58 9.86 32.52
C GLU A 175 -10.19 10.46 32.67
N VAL A 176 -10.11 11.78 32.57
CA VAL A 176 -8.83 12.48 32.67
C VAL A 176 -8.44 12.58 34.14
N ILE A 177 -7.29 12.01 34.50
CA ILE A 177 -6.81 12.06 35.87
C ILE A 177 -5.90 13.27 36.04
N ASP A 178 -4.83 13.32 35.25
CA ASP A 178 -3.83 14.38 35.36
C ASP A 178 -3.54 14.93 33.97
N ILE A 179 -3.32 16.24 33.90
CA ILE A 179 -2.87 16.91 32.70
C ILE A 179 -1.52 17.54 33.02
N PHE A 180 -0.49 17.14 32.29
CA PHE A 180 0.86 17.64 32.49
C PHE A 180 1.25 18.54 31.32
N LYS A 181 1.92 19.65 31.64
CA LYS A 181 2.59 20.46 30.64
C LYS A 181 4.05 20.02 30.57
N ILE A 182 4.48 19.58 29.39
CA ILE A 182 5.80 18.98 29.22
C ILE A 182 6.62 19.83 28.26
N GLU A 183 7.92 19.93 28.54
CA GLU A 183 8.86 20.70 27.72
C GLU A 183 10.17 19.92 27.65
N ARG A 184 10.34 19.17 26.56
CA ARG A 184 11.59 18.45 26.35
C ARG A 184 12.73 19.42 26.12
N GLU A 185 13.89 19.11 26.69
CA GLU A 185 15.07 19.94 26.47
C GLU A 185 15.44 19.93 25.00
N GLY A 186 15.66 21.12 24.43
CA GLY A 186 16.10 21.27 23.06
C GLY A 186 15.02 21.17 22.02
N GLU A 187 13.85 20.60 22.34
CA GLU A 187 12.83 20.38 21.33
C GLU A 187 12.26 21.70 20.81
N CYS A 188 12.19 22.72 21.66
CA CYS A 188 11.68 24.02 21.22
C CYS A 188 12.60 24.63 20.17
N GLN A 189 13.91 24.51 20.34
CA GLN A 189 14.85 24.98 19.33
C GLN A 189 14.71 24.17 18.05
N ARG A 190 14.59 22.84 18.17
CA ARG A 190 14.45 21.99 17.00
C ARG A 190 13.20 22.30 16.20
N TYR A 191 12.14 22.71 16.88
CA TYR A 191 10.86 22.95 16.23
C TYR A 191 10.79 24.32 15.57
N LYS A 192 11.66 25.25 15.96
CA LYS A 192 11.60 26.62 15.44
C LYS A 192 11.55 26.70 13.92
N PRO A 193 12.33 25.94 13.13
CA PRO A 193 12.22 26.03 11.67
C PRO A 193 10.82 25.72 11.13
N PHE A 194 9.92 25.18 11.95
CA PHE A 194 8.56 24.89 11.51
C PHE A 194 7.52 25.72 12.25
N LYS A 195 7.94 26.74 13.01
CA LYS A 195 7.00 27.43 13.88
C LYS A 195 5.89 28.12 13.10
N GLN A 196 6.24 28.80 12.01
CA GLN A 196 5.26 29.56 11.23
C GLN A 196 4.93 28.87 9.90
N LEU A 197 5.06 27.56 9.85
CA LEU A 197 4.42 26.79 8.78
C LEU A 197 2.91 26.85 8.98
N HIS A 198 2.17 26.71 7.88
CA HIS A 198 0.72 26.76 8.02
C HIS A 198 0.18 25.40 8.45
N ASN A 199 -1.08 25.39 8.89
CA ASN A 199 -1.81 24.16 9.18
C ASN A 199 -1.16 23.38 10.34
N ARG A 200 -1.01 24.07 11.47
CA ARG A 200 -0.50 23.46 12.69
C ARG A 200 -1.68 23.05 13.57
N ARG A 201 -1.78 21.75 13.85
CA ARG A 201 -2.88 21.19 14.61
C ARG A 201 -2.36 20.55 15.90
N LEU A 202 -3.23 20.52 16.91
CA LEU A 202 -2.95 19.82 18.16
C LEU A 202 -3.58 18.44 18.08
N LEU A 203 -2.74 17.40 18.11
CA LEU A 203 -3.21 16.05 17.82
C LEU A 203 -2.72 15.07 18.88
N TRP A 204 -3.45 13.95 18.98
CA TRP A 204 -3.18 12.92 19.96
C TRP A 204 -2.14 11.93 19.46
N HIS A 205 -1.33 11.42 20.39
CA HIS A 205 -0.48 10.26 20.14
C HIS A 205 -0.56 9.36 21.37
N GLY A 206 -1.16 8.19 21.21
CA GLY A 206 -1.25 7.21 22.28
C GLY A 206 -0.16 6.17 22.14
N SER A 207 0.37 5.74 23.29
CA SER A 207 1.45 4.76 23.31
C SER A 207 1.39 3.98 24.60
N ARG A 208 2.02 2.81 24.59
CA ARG A 208 2.14 2.01 25.80
C ARG A 208 2.88 2.81 26.87
N THR A 209 2.50 2.57 28.13
CA THR A 209 3.08 3.33 29.24
C THR A 209 4.60 3.16 29.28
N THR A 210 5.08 1.94 29.00
CA THR A 210 6.51 1.66 29.07
C THR A 210 7.30 2.47 28.05
N ASN A 211 6.69 2.85 26.93
CA ASN A 211 7.40 3.57 25.89
C ASN A 211 7.70 5.02 26.25
N PHE A 212 7.13 5.54 27.33
CA PHE A 212 7.17 6.98 27.56
C PHE A 212 8.48 7.46 28.16
N ALA A 213 9.26 6.58 28.80
CA ALA A 213 10.60 6.99 29.21
C ALA A 213 11.44 7.34 28.00
N GLY A 214 11.36 6.55 26.94
CA GLY A 214 12.04 6.89 25.70
C GLY A 214 11.38 8.04 24.97
N ILE A 215 10.05 8.09 24.99
CA ILE A 215 9.32 9.15 24.30
C ILE A 215 9.66 10.51 24.89
N LEU A 216 9.87 10.59 26.20
CA LEU A 216 10.17 11.88 26.82
C LEU A 216 11.65 12.23 26.78
N SER A 217 12.54 11.23 26.81
CA SER A 217 13.97 11.53 26.76
C SER A 217 14.44 11.81 25.35
N GLN A 218 13.93 11.08 24.36
CA GLN A 218 14.38 11.21 22.98
C GLN A 218 13.34 11.82 22.05
N GLY A 219 12.14 12.12 22.53
CA GLY A 219 11.08 12.59 21.66
C GLY A 219 10.51 11.46 20.82
N LEU A 220 9.48 11.80 20.05
CA LEU A 220 8.94 10.83 19.09
C LEU A 220 9.93 10.64 17.96
N ARG A 221 10.22 9.38 17.62
CA ARG A 221 11.20 9.05 16.61
C ARG A 221 10.54 8.26 15.49
N ILE A 222 11.29 8.11 14.40
CA ILE A 222 10.85 7.34 13.23
C ILE A 222 11.46 5.95 13.32
N ALA A 223 10.73 4.96 12.83
CA ALA A 223 11.23 3.59 12.82
C ALA A 223 12.61 3.54 12.18
N PRO A 224 13.54 2.75 12.72
CA PRO A 224 14.93 2.78 12.24
C PRO A 224 15.04 2.35 10.79
N PRO A 225 16.17 2.62 10.13
CA PRO A 225 16.31 2.23 8.71
C PRO A 225 16.16 0.75 8.47
N GLU A 226 16.50 -0.09 9.45
CA GLU A 226 16.33 -1.53 9.31
C GLU A 226 14.86 -1.95 9.20
N ALA A 227 13.94 -1.14 9.71
CA ALA A 227 12.55 -1.54 9.78
C ALA A 227 11.95 -1.59 8.37
N PRO A 228 11.06 -2.55 8.10
CA PRO A 228 10.45 -2.65 6.77
C PRO A 228 9.39 -1.56 6.57
N VAL A 229 9.50 -0.85 5.45
CA VAL A 229 8.57 0.25 5.19
C VAL A 229 7.16 -0.25 4.99
N THR A 230 6.98 -1.50 4.55
CA THR A 230 5.64 -2.05 4.37
C THR A 230 5.01 -2.53 5.68
N GLY A 231 5.74 -2.49 6.79
CA GLY A 231 5.13 -2.79 8.07
C GLY A 231 4.25 -1.69 8.63
N TYR A 232 4.24 -0.52 7.98
CA TYR A 232 3.49 0.64 8.46
C TYR A 232 2.65 1.18 7.31
N MET A 233 1.37 1.47 7.60
CA MET A 233 0.39 1.75 6.55
C MET A 233 0.84 2.91 5.65
N PHE A 234 1.34 3.97 6.24
CA PHE A 234 1.76 5.15 5.48
C PHE A 234 3.27 5.37 5.56
N GLY A 235 4.03 4.29 5.67
CA GLY A 235 5.46 4.41 5.71
C GLY A 235 6.01 4.67 7.10
N LYS A 236 7.30 5.00 7.14
CA LYS A 236 8.01 5.14 8.40
C LYS A 236 7.97 6.61 8.83
N GLY A 237 6.88 6.96 9.48
CA GLY A 237 6.71 8.31 10.02
C GLY A 237 6.12 8.29 11.42
N ILE A 238 5.78 9.46 11.95
CA ILE A 238 5.15 9.60 13.25
C ILE A 238 3.67 9.84 13.06
N TYR A 239 2.84 9.03 13.70
CA TYR A 239 1.41 8.99 13.43
C TYR A 239 0.64 9.69 14.54
N PHE A 240 -0.32 10.53 14.14
CA PHE A 240 -1.18 11.24 15.08
C PHE A 240 -2.64 11.06 14.67
N ALA A 241 -3.54 11.40 15.59
CA ALA A 241 -4.97 11.33 15.33
C ALA A 241 -5.64 12.57 15.90
N ASP A 242 -6.86 12.85 15.42
CA ASP A 242 -7.70 13.89 15.97
C ASP A 242 -8.85 13.35 16.81
N MET A 243 -9.06 12.04 16.82
CA MET A 243 -10.02 11.38 17.70
C MET A 243 -9.25 10.80 18.88
N VAL A 244 -9.58 11.27 20.09
CA VAL A 244 -8.84 10.84 21.28
C VAL A 244 -8.94 9.34 21.46
N SER A 245 -10.06 8.73 21.07
CA SER A 245 -10.22 7.29 21.27
C SER A 245 -9.40 6.50 20.26
N LYS A 246 -9.15 7.05 19.08
CA LYS A 246 -8.29 6.37 18.11
C LYS A 246 -6.87 6.24 18.65
N SER A 247 -6.34 7.31 19.25
CA SER A 247 -5.01 7.23 19.85
C SER A 247 -5.01 6.45 21.15
N ALA A 248 -6.09 6.53 21.93
CA ALA A 248 -6.13 5.81 23.21
C ALA A 248 -6.11 4.31 23.00
N ASN A 249 -6.57 3.83 21.83
CA ASN A 249 -6.49 2.41 21.52
C ASN A 249 -5.04 1.94 21.49
N TYR A 250 -4.13 2.81 21.08
CA TYR A 250 -2.72 2.45 21.00
C TYR A 250 -2.00 2.56 22.34
N CYS A 251 -2.73 2.83 23.42
CA CYS A 251 -2.16 2.64 24.75
C CYS A 251 -2.08 1.18 25.13
N HIS A 252 -2.87 0.33 24.46
CA HIS A 252 -2.98 -1.10 24.78
C HIS A 252 -3.30 -1.29 26.26
N THR A 253 -4.19 -0.44 26.76
CA THR A 253 -4.70 -0.54 28.11
C THR A 253 -5.60 -1.77 28.23
N SER A 254 -5.53 -2.43 29.39
CA SER A 254 -6.29 -3.64 29.64
C SER A 254 -7.17 -3.47 30.88
N GLN A 255 -7.82 -4.56 31.28
CA GLN A 255 -8.62 -4.54 32.51
C GLN A 255 -7.72 -4.56 33.73
N GLY A 256 -6.61 -5.30 33.68
CA GLY A 256 -5.69 -5.35 34.80
C GLY A 256 -4.86 -4.10 34.97
N ASP A 257 -4.67 -3.33 33.90
CA ASP A 257 -3.91 -2.07 33.93
C ASP A 257 -4.73 -1.02 33.20
N PRO A 258 -5.71 -0.41 33.88
CA PRO A 258 -6.63 0.52 33.21
C PRO A 258 -6.13 1.96 33.09
N ILE A 259 -4.90 2.26 33.47
CA ILE A 259 -4.36 3.62 33.40
C ILE A 259 -3.51 3.75 32.15
N GLY A 260 -3.74 4.83 31.38
CA GLY A 260 -3.02 5.03 30.15
C GLY A 260 -2.44 6.44 30.07
N LEU A 261 -1.44 6.57 29.20
CA LEU A 261 -0.78 7.84 28.94
C LEU A 261 -0.95 8.19 27.48
N ILE A 262 -1.31 9.45 27.20
CA ILE A 262 -1.53 9.93 25.84
C ILE A 262 -0.92 11.31 25.71
N LEU A 263 -0.46 11.63 24.50
CA LEU A 263 0.26 12.86 24.24
C LEU A 263 -0.62 13.84 23.48
N LEU A 264 -0.45 15.12 23.76
CA LEU A 264 -0.97 16.20 22.93
C LEU A 264 0.23 16.94 22.36
N GLY A 265 0.39 16.88 21.06
CA GLY A 265 1.54 17.47 20.39
C GLY A 265 1.13 18.47 19.33
N GLU A 266 1.93 19.52 19.19
CA GLU A 266 1.78 20.46 18.09
C GLU A 266 2.51 19.90 16.87
N VAL A 267 1.78 19.69 15.78
CA VAL A 267 2.32 19.03 14.60
C VAL A 267 2.21 19.99 13.42
N ALA A 268 3.35 20.33 12.83
CA ALA A 268 3.41 21.20 11.65
C ALA A 268 3.08 20.36 10.42
N LEU A 269 1.81 20.42 10.00
CA LEU A 269 1.34 19.58 8.90
C LEU A 269 1.63 20.18 7.53
N GLY A 270 1.51 21.51 7.41
CA GLY A 270 1.79 22.15 6.14
C GLY A 270 0.87 21.65 5.06
N ASN A 271 1.45 21.35 3.89
CA ASN A 271 0.70 20.75 2.80
C ASN A 271 0.46 19.28 3.09
N MET A 272 -0.77 18.84 2.91
CA MET A 272 -1.22 17.52 3.34
C MET A 272 -1.47 16.64 2.12
N TYR A 273 -0.67 15.60 1.96
CA TYR A 273 -0.89 14.58 0.94
C TYR A 273 -2.04 13.70 1.42
N GLU A 274 -3.22 13.92 0.85
CA GLU A 274 -4.42 13.25 1.34
C GLU A 274 -4.56 11.88 0.68
N LEU A 275 -4.61 10.84 1.50
CA LEU A 275 -4.64 9.47 1.02
C LEU A 275 -5.81 8.72 1.65
N LYS A 276 -6.33 7.74 0.92
CA LYS A 276 -7.43 6.93 1.41
C LYS A 276 -7.05 5.47 1.64
N HIS A 277 -5.89 5.03 1.18
CA HIS A 277 -5.46 3.66 1.37
C HIS A 277 -3.95 3.65 1.58
N ALA A 278 -3.41 2.43 1.76
CA ALA A 278 -2.02 2.28 2.17
C ALA A 278 -1.06 2.84 1.11
N SER A 279 0.04 3.40 1.60
CA SER A 279 1.06 3.97 0.72
C SER A 279 2.38 3.95 1.52
N HIS A 280 3.13 2.85 1.37
CA HIS A 280 4.36 2.64 2.14
C HIS A 280 5.49 3.48 1.54
N ILE A 281 5.45 4.77 1.85
CA ILE A 281 6.42 5.72 1.30
C ILE A 281 7.50 5.97 2.34
N SER A 282 8.70 6.29 1.85
CA SER A 282 9.79 6.74 2.71
C SER A 282 9.99 8.25 2.64
N LYS A 283 9.82 8.84 1.46
CA LYS A 283 9.90 10.26 1.24
C LYS A 283 8.53 10.80 0.83
N LEU A 284 8.37 12.10 0.97
CA LEU A 284 7.14 12.74 0.52
C LEU A 284 7.38 13.45 -0.81
N PRO A 285 6.34 13.62 -1.64
CA PRO A 285 6.52 14.42 -2.86
C PRO A 285 6.93 15.84 -2.51
N LYS A 286 7.80 16.40 -3.35
CA LYS A 286 8.35 17.73 -3.11
C LYS A 286 7.23 18.75 -2.94
N GLY A 287 7.32 19.55 -1.89
CA GLY A 287 6.31 20.54 -1.58
C GLY A 287 5.23 20.08 -0.61
N LYS A 288 5.22 18.81 -0.23
CA LYS A 288 4.26 18.28 0.73
C LYS A 288 4.98 18.00 2.04
N HIS A 289 4.31 18.29 3.15
CA HIS A 289 4.94 18.22 4.47
C HIS A 289 4.36 17.14 5.37
N SER A 290 3.29 16.46 4.97
CA SER A 290 2.67 15.45 5.81
C SER A 290 1.70 14.63 4.98
N VAL A 291 1.19 13.56 5.57
CA VAL A 291 0.16 12.72 4.97
C VAL A 291 -1.06 12.74 5.89
N LYS A 292 -2.24 12.88 5.30
CA LYS A 292 -3.49 12.77 6.05
C LYS A 292 -4.30 11.61 5.49
N GLY A 293 -4.48 10.57 6.30
CA GLY A 293 -5.41 9.51 5.97
C GLY A 293 -6.83 10.01 6.13
N LEU A 294 -7.61 9.96 5.05
CA LEU A 294 -8.97 10.49 5.04
C LEU A 294 -9.90 9.51 5.73
N GLY A 295 -10.47 9.92 6.87
CA GLY A 295 -11.41 9.08 7.57
C GLY A 295 -12.85 9.33 7.17
N LYS A 296 -13.69 8.30 7.35
CA LYS A 296 -15.12 8.47 7.08
C LYS A 296 -15.76 9.46 8.03
N THR A 297 -15.40 9.39 9.31
CA THR A 297 -15.85 10.34 10.31
C THR A 297 -14.75 11.34 10.60
N THR A 298 -15.10 12.63 10.67
CA THR A 298 -14.15 13.67 10.98
C THR A 298 -14.71 14.58 12.06
N PRO A 299 -13.85 15.11 12.93
CA PRO A 299 -14.32 16.14 13.89
C PRO A 299 -14.83 17.36 13.15
N ASP A 300 -16.09 17.69 13.40
CA ASP A 300 -16.82 18.80 12.78
C ASP A 300 -15.92 20.04 12.70
N PRO A 301 -15.57 20.49 11.50
CA PRO A 301 -14.65 21.63 11.38
C PRO A 301 -15.26 22.96 11.81
N SER A 302 -16.58 23.02 12.01
CA SER A 302 -17.21 24.25 12.47
C SER A 302 -16.84 24.58 13.91
N ALA A 303 -16.45 23.59 14.71
CA ALA A 303 -16.20 23.78 16.13
C ALA A 303 -14.71 23.86 16.47
N ASN A 304 -13.87 24.23 15.51
CA ASN A 304 -12.44 24.31 15.76
C ASN A 304 -12.09 25.58 16.52
N ILE A 305 -11.17 25.46 17.47
CA ILE A 305 -10.70 26.58 18.27
C ILE A 305 -9.19 26.66 18.14
N SER A 306 -8.64 27.80 18.56
CA SER A 306 -7.20 28.04 18.53
C SER A 306 -6.67 28.12 19.97
N LEU A 307 -5.64 27.34 20.25
CA LEU A 307 -4.93 27.39 21.53
C LEU A 307 -3.47 27.72 21.22
N ASP A 308 -3.06 28.95 21.54
CA ASP A 308 -1.72 29.44 21.26
C ASP A 308 -1.41 29.36 19.76
N GLY A 309 -2.38 29.82 18.96
CA GLY A 309 -2.22 29.80 17.51
C GLY A 309 -2.18 28.43 16.90
N VAL A 310 -2.66 27.40 17.60
CA VAL A 310 -2.71 26.04 17.10
C VAL A 310 -4.17 25.60 17.05
N ASP A 311 -4.59 25.04 15.93
CA ASP A 311 -5.96 24.59 15.79
C ASP A 311 -6.21 23.32 16.59
N VAL A 312 -7.35 23.27 17.26
CA VAL A 312 -7.75 22.12 18.07
C VAL A 312 -9.07 21.59 17.53
N PRO A 313 -9.04 20.48 16.80
CA PRO A 313 -10.28 19.93 16.20
C PRO A 313 -11.13 19.15 17.20
N LEU A 314 -11.66 19.86 18.20
CA LEU A 314 -12.47 19.24 19.23
C LEU A 314 -13.94 19.12 18.86
N GLY A 315 -14.28 19.29 17.58
CA GLY A 315 -15.66 19.14 17.17
C GLY A 315 -16.13 17.70 17.26
N THR A 316 -17.43 17.52 17.42
CA THR A 316 -18.01 16.19 17.50
C THR A 316 -17.90 15.48 16.15
N GLY A 317 -18.15 14.17 16.18
CA GLY A 317 -17.96 13.36 14.99
C GLY A 317 -19.11 13.50 14.01
N ILE A 318 -18.78 13.79 12.74
CA ILE A 318 -19.74 13.86 11.66
C ILE A 318 -19.16 13.13 10.46
N SER A 319 -20.01 12.93 9.45
CA SER A 319 -19.55 12.34 8.19
C SER A 319 -18.59 13.29 7.49
N SER A 320 -17.59 12.71 6.83
CA SER A 320 -16.57 13.50 6.15
C SER A 320 -16.89 13.76 4.68
N GLY A 321 -17.79 12.97 4.09
CA GLY A 321 -18.06 13.08 2.68
C GLY A 321 -17.08 12.33 1.78
N VAL A 322 -16.07 11.70 2.35
CA VAL A 322 -15.15 10.86 1.58
C VAL A 322 -15.79 9.50 1.38
N ASN A 323 -15.86 9.06 0.12
CA ASN A 323 -16.62 7.85 -0.23
C ASN A 323 -15.77 6.60 -0.12
N ASP A 324 -14.80 6.45 -1.03
CA ASP A 324 -13.95 5.25 -1.07
C ASP A 324 -12.69 5.54 -0.26
N THR A 325 -12.78 5.30 1.05
CA THR A 325 -11.63 5.35 1.94
C THR A 325 -11.66 4.13 2.85
N SER A 326 -10.47 3.67 3.23
CA SER A 326 -10.33 2.51 4.08
C SER A 326 -10.15 2.87 5.55
N LEU A 327 -10.25 4.13 5.91
CA LEU A 327 -9.98 4.59 7.27
C LEU A 327 -11.26 5.09 7.91
N LEU A 328 -11.61 4.51 9.06
CA LEU A 328 -12.77 4.97 9.80
C LEU A 328 -12.57 6.41 10.28
N TYR A 329 -11.35 6.76 10.69
CA TYR A 329 -11.07 8.06 11.27
C TYR A 329 -9.76 8.60 10.71
N ASN A 330 -9.58 9.92 10.85
CA ASN A 330 -8.44 10.59 10.25
C ASN A 330 -7.13 10.11 10.87
N GLU A 331 -6.05 10.34 10.14
CA GLU A 331 -4.70 10.00 10.59
C GLU A 331 -3.74 11.01 10.01
N TYR A 332 -2.84 11.53 10.84
CA TYR A 332 -1.86 12.51 10.42
C TYR A 332 -0.46 11.94 10.63
N ILE A 333 0.36 12.01 9.58
CA ILE A 333 1.69 11.41 9.60
C ILE A 333 2.69 12.45 9.11
N VAL A 334 3.77 12.62 9.85
CA VAL A 334 4.90 13.44 9.43
C VAL A 334 6.12 12.52 9.35
N TYR A 335 7.07 12.90 8.50
CA TYR A 335 8.25 12.09 8.23
C TYR A 335 9.54 12.79 8.61
N ASP A 336 9.46 13.88 9.36
CA ASP A 336 10.61 14.55 9.94
C ASP A 336 10.28 14.83 11.40
N ILE A 337 11.16 14.41 12.31
CA ILE A 337 10.87 14.51 13.72
C ILE A 337 10.85 15.96 14.20
N ALA A 338 11.48 16.87 13.46
CA ALA A 338 11.47 18.27 13.87
C ALA A 338 10.08 18.89 13.78
N GLN A 339 9.16 18.28 13.03
CA GLN A 339 7.83 18.84 12.82
C GLN A 339 6.89 18.62 14.00
N VAL A 340 7.37 18.08 15.11
CA VAL A 340 6.54 17.74 16.27
C VAL A 340 7.07 18.48 17.48
N ASN A 341 6.19 19.19 18.18
CA ASN A 341 6.50 19.88 19.43
C ASN A 341 5.52 19.39 20.48
N LEU A 342 6.01 18.55 21.41
CA LEU A 342 5.15 17.99 22.45
C LEU A 342 4.81 19.05 23.49
N LYS A 343 3.52 19.19 23.80
CA LYS A 343 3.04 20.20 24.74
C LYS A 343 2.45 19.60 26.01
N TYR A 344 1.55 18.63 25.89
CA TYR A 344 0.83 18.10 27.03
C TYR A 344 0.92 16.58 27.07
N LEU A 345 0.93 16.05 28.30
CA LEU A 345 0.87 14.61 28.55
C LEU A 345 -0.28 14.34 29.51
N LEU A 346 -1.15 13.39 29.15
CA LEU A 346 -2.36 13.11 29.88
C LEU A 346 -2.31 11.74 30.52
N LYS A 347 -2.73 11.67 31.79
CA LYS A 347 -2.98 10.42 32.48
C LYS A 347 -4.48 10.12 32.38
N LEU A 348 -4.83 9.03 31.70
CA LEU A 348 -6.21 8.66 31.46
C LEU A 348 -6.56 7.37 32.18
N LYS A 349 -7.75 7.33 32.77
CA LYS A 349 -8.31 6.13 33.35
C LYS A 349 -9.31 5.53 32.37
N PHE A 350 -9.07 4.28 31.98
CA PHE A 350 -9.95 3.57 31.06
C PHE A 350 -10.98 2.78 31.87
N ASN A 351 -12.26 3.12 31.69
CA ASN A 351 -13.35 2.43 32.37
C ASN A 351 -14.01 1.51 31.36
N PHE A 352 -13.62 0.23 31.40
CA PHE A 352 -14.10 -0.73 30.42
C PHE A 352 -15.51 -1.19 30.78
N LYS A 353 -16.40 -1.18 29.80
CA LYS A 353 -17.80 -1.48 30.02
C LYS A 353 -18.04 -2.98 29.90
N THR A 354 -18.75 -3.54 30.87
CA THR A 354 -18.96 -4.98 30.93
C THR A 354 -20.35 -5.32 31.45
N MET B 3 -19.70 -16.53 -50.79
CA MET B 3 -19.03 -15.64 -49.85
C MET B 3 -17.76 -15.02 -50.43
N THR B 4 -17.62 -13.70 -50.31
CA THR B 4 -16.38 -13.03 -50.70
C THR B 4 -15.31 -13.27 -49.64
N LYS B 5 -14.22 -13.90 -50.04
CA LYS B 5 -13.13 -14.14 -49.13
C LYS B 5 -12.38 -12.84 -48.86
N SER B 6 -11.77 -12.78 -47.68
CA SER B 6 -11.17 -11.54 -47.22
C SER B 6 -9.89 -11.23 -47.99
N LYS B 7 -9.67 -9.94 -48.25
CA LYS B 7 -8.47 -9.47 -48.91
C LYS B 7 -7.37 -9.06 -47.94
N LEU B 8 -7.63 -9.13 -46.63
CA LEU B 8 -6.62 -8.79 -45.65
C LEU B 8 -5.43 -9.75 -45.77
N PRO B 9 -4.23 -9.30 -45.40
CA PRO B 9 -3.09 -10.22 -45.37
C PRO B 9 -3.33 -11.36 -44.39
N LYS B 10 -2.74 -12.51 -44.70
CA LYS B 10 -2.88 -13.66 -43.82
C LYS B 10 -2.51 -13.38 -42.36
N PRO B 11 -1.42 -12.69 -42.03
CA PRO B 11 -1.15 -12.42 -40.60
C PRO B 11 -2.25 -11.63 -39.92
N VAL B 12 -2.87 -10.67 -40.61
CA VAL B 12 -3.99 -9.93 -40.02
C VAL B 12 -5.20 -10.84 -39.86
N GLN B 13 -5.43 -11.74 -40.81
CA GLN B 13 -6.53 -12.69 -40.70
C GLN B 13 -6.35 -13.63 -39.51
N ASP B 14 -5.12 -14.14 -39.33
CA ASP B 14 -4.85 -15.02 -38.20
C ASP B 14 -4.96 -14.27 -36.87
N LEU B 15 -4.65 -12.98 -36.87
CA LEU B 15 -4.82 -12.17 -35.66
C LEU B 15 -6.31 -12.03 -35.30
N ILE B 16 -7.14 -11.71 -36.29
CA ILE B 16 -8.57 -11.57 -36.04
C ILE B 16 -9.16 -12.88 -35.55
N LYS B 17 -8.72 -14.00 -36.15
CA LYS B 17 -9.22 -15.31 -35.73
C LYS B 17 -8.84 -15.61 -34.30
N MET B 18 -7.60 -15.28 -33.91
CA MET B 18 -7.18 -15.42 -32.52
C MET B 18 -7.99 -14.52 -31.60
N ILE B 19 -8.21 -13.27 -32.02
CA ILE B 19 -8.78 -12.25 -31.14
C ILE B 19 -10.22 -12.59 -30.76
N PHE B 20 -11.00 -13.12 -31.69
CA PHE B 20 -12.41 -13.36 -31.48
C PHE B 20 -12.72 -14.83 -31.24
N ASP B 21 -11.75 -15.61 -30.77
CA ASP B 21 -11.98 -17.02 -30.49
C ASP B 21 -12.89 -17.16 -29.27
N VAL B 22 -14.09 -17.68 -29.49
CA VAL B 22 -15.04 -17.86 -28.39
C VAL B 22 -14.56 -18.94 -27.43
N GLU B 23 -13.94 -20.00 -27.96
CA GLU B 23 -13.46 -21.06 -27.08
C GLU B 23 -12.31 -20.59 -26.20
N SER B 24 -11.44 -19.70 -26.71
CA SER B 24 -10.41 -19.12 -25.86
C SER B 24 -11.03 -18.30 -24.73
N MET B 25 -12.15 -17.63 -25.01
CA MET B 25 -12.86 -16.91 -23.96
C MET B 25 -13.38 -17.87 -22.90
N LYS B 26 -13.97 -18.99 -23.32
CA LYS B 26 -14.43 -19.99 -22.38
C LYS B 26 -13.25 -20.57 -21.59
N LYS B 27 -12.14 -20.87 -22.28
CA LYS B 27 -10.96 -21.39 -21.59
C LYS B 27 -10.47 -20.42 -20.52
N ALA B 28 -10.54 -19.12 -20.80
CA ALA B 28 -10.11 -18.13 -19.82
C ALA B 28 -11.00 -18.16 -18.58
N MET B 29 -12.32 -18.27 -18.79
CA MET B 29 -13.24 -18.27 -17.64
C MET B 29 -13.07 -19.54 -16.81
N VAL B 30 -12.91 -20.69 -17.47
CA VAL B 30 -12.59 -21.91 -16.74
C VAL B 30 -11.27 -21.77 -15.99
N GLU B 31 -10.30 -21.09 -16.60
CA GLU B 31 -9.01 -20.87 -15.96
C GLU B 31 -9.16 -20.11 -14.64
N TYR B 32 -10.20 -19.28 -14.52
CA TYR B 32 -10.44 -18.51 -13.32
C TYR B 32 -11.47 -19.16 -12.40
N GLU B 33 -11.65 -20.47 -12.51
CA GLU B 33 -12.53 -21.26 -11.64
C GLU B 33 -13.99 -20.84 -11.74
N ILE B 34 -14.40 -20.25 -12.85
CA ILE B 34 -15.78 -19.79 -13.02
C ILE B 34 -16.63 -20.93 -13.53
N ASP B 35 -17.87 -21.00 -13.03
CA ASP B 35 -18.81 -22.03 -13.42
C ASP B 35 -19.47 -21.63 -14.74
N LEU B 36 -18.96 -22.20 -15.84
CA LEU B 36 -19.53 -21.90 -17.15
C LEU B 36 -20.93 -22.47 -17.30
N GLN B 37 -21.26 -23.52 -16.56
CA GLN B 37 -22.60 -24.08 -16.60
C GLN B 37 -23.62 -23.11 -16.01
N LYS B 38 -23.40 -22.72 -14.74
CA LYS B 38 -24.32 -21.81 -14.08
C LYS B 38 -24.22 -20.39 -14.63
N MET B 39 -23.04 -20.00 -15.12
CA MET B 39 -22.77 -18.63 -15.53
C MET B 39 -22.10 -18.62 -16.89
N PRO B 40 -22.86 -18.86 -17.96
CA PRO B 40 -22.25 -19.03 -19.29
C PRO B 40 -21.80 -17.70 -19.88
N LEU B 41 -21.11 -17.82 -21.02
CA LEU B 41 -20.44 -16.67 -21.60
C LEU B 41 -21.44 -15.61 -22.05
N GLY B 42 -22.54 -16.04 -22.68
CA GLY B 42 -23.58 -15.11 -23.07
C GLY B 42 -24.27 -14.41 -21.92
N LYS B 43 -24.25 -15.02 -20.72
CA LYS B 43 -24.90 -14.38 -19.60
C LYS B 43 -24.00 -13.34 -18.93
N LEU B 44 -22.75 -13.24 -19.36
CA LEU B 44 -21.85 -12.23 -18.82
C LEU B 44 -22.40 -10.84 -19.11
N SER B 45 -22.36 -9.97 -18.10
CA SER B 45 -22.96 -8.65 -18.18
C SER B 45 -22.07 -7.63 -17.47
N LYS B 46 -22.01 -6.42 -18.03
CA LYS B 46 -21.29 -5.34 -17.37
C LYS B 46 -21.82 -5.11 -15.96
N ARG B 47 -23.13 -5.14 -15.81
CA ARG B 47 -23.76 -4.85 -14.52
C ARG B 47 -23.30 -5.83 -13.44
N GLN B 48 -23.22 -7.12 -13.76
CA GLN B 48 -22.81 -8.09 -12.76
C GLN B 48 -21.33 -7.95 -12.42
N ILE B 49 -20.50 -7.55 -13.39
CA ILE B 49 -19.08 -7.36 -13.11
C ILE B 49 -18.87 -6.19 -12.16
N GLN B 50 -19.60 -5.08 -12.35
CA GLN B 50 -19.45 -3.94 -11.46
C GLN B 50 -19.95 -4.27 -10.06
N ALA B 51 -21.04 -5.03 -9.96
CA ALA B 51 -21.55 -5.42 -8.64
C ALA B 51 -20.55 -6.31 -7.91
N ALA B 52 -19.90 -7.22 -8.63
CA ALA B 52 -18.87 -8.05 -8.00
C ALA B 52 -17.68 -7.20 -7.56
N TYR B 53 -17.30 -6.21 -8.37
CA TYR B 53 -16.25 -5.27 -7.97
C TYR B 53 -16.60 -4.60 -6.64
N SER B 54 -17.84 -4.12 -6.51
CA SER B 54 -18.24 -3.44 -5.30
C SER B 54 -18.17 -4.36 -4.08
N ILE B 55 -18.57 -5.63 -4.24
CA ILE B 55 -18.44 -6.55 -3.13
C ILE B 55 -16.98 -6.81 -2.81
N LEU B 56 -16.11 -6.83 -3.83
CA LEU B 56 -14.68 -6.92 -3.58
C LEU B 56 -14.19 -5.71 -2.79
N SER B 57 -14.74 -4.53 -3.07
CA SER B 57 -14.41 -3.35 -2.29
C SER B 57 -14.89 -3.48 -0.84
N GLU B 58 -16.00 -4.18 -0.63
CA GLU B 58 -16.46 -4.43 0.72
C GLU B 58 -15.53 -5.41 1.45
N VAL B 59 -15.12 -6.48 0.78
CA VAL B 59 -14.16 -7.41 1.37
C VAL B 59 -12.85 -6.68 1.69
N GLN B 60 -12.41 -5.82 0.78
CA GLN B 60 -11.20 -5.03 1.00
C GLN B 60 -11.32 -4.20 2.28
N GLN B 61 -12.47 -3.57 2.49
CA GLN B 61 -12.68 -2.78 3.70
C GLN B 61 -12.64 -3.65 4.94
N ALA B 62 -13.23 -4.86 4.87
CA ALA B 62 -13.20 -5.76 6.01
C ALA B 62 -11.78 -6.22 6.32
N VAL B 63 -11.00 -6.53 5.29
CA VAL B 63 -9.62 -6.95 5.50
C VAL B 63 -8.80 -5.81 6.08
N SER B 64 -9.10 -4.58 5.66
CA SER B 64 -8.38 -3.42 6.19
C SER B 64 -8.73 -3.16 7.64
N GLN B 65 -10.00 -3.36 8.02
CA GLN B 65 -10.45 -3.17 9.39
C GLN B 65 -10.10 -4.35 10.29
N GLY B 66 -9.33 -5.32 9.80
CA GLY B 66 -8.93 -6.46 10.60
C GLY B 66 -10.07 -7.35 11.04
N SER B 67 -10.95 -7.68 10.10
CA SER B 67 -12.10 -8.53 10.42
C SER B 67 -11.68 -9.99 10.56
N SER B 68 -12.42 -10.71 11.38
CA SER B 68 -12.15 -12.13 11.58
C SER B 68 -12.79 -12.97 10.48
N ASP B 69 -12.46 -14.26 10.47
CA ASP B 69 -12.97 -15.15 9.44
C ASP B 69 -14.48 -15.30 9.51
N SER B 70 -15.05 -15.27 10.72
CA SER B 70 -16.50 -15.44 10.87
C SER B 70 -17.24 -14.20 10.38
N GLN B 71 -16.69 -13.01 10.61
CA GLN B 71 -17.36 -11.80 10.17
C GLN B 71 -17.23 -11.58 8.66
N ILE B 72 -16.13 -12.02 8.07
CA ILE B 72 -15.91 -11.84 6.63
C ILE B 72 -16.59 -12.91 5.80
N LEU B 73 -17.06 -13.99 6.42
CA LEU B 73 -17.67 -15.09 5.67
C LEU B 73 -18.88 -14.62 4.88
N ASP B 74 -19.68 -13.70 5.45
CA ASP B 74 -20.83 -13.17 4.73
C ASP B 74 -20.41 -12.42 3.47
N LEU B 75 -19.24 -11.77 3.50
CA LEU B 75 -18.81 -10.95 2.37
C LEU B 75 -18.21 -11.79 1.26
N SER B 76 -17.41 -12.79 1.61
CA SER B 76 -16.90 -13.73 0.61
C SER B 76 -18.05 -14.47 -0.06
N ASN B 77 -19.06 -14.86 0.71
CA ASN B 77 -20.21 -15.55 0.13
C ASN B 77 -20.99 -14.64 -0.82
N ARG B 78 -21.10 -13.35 -0.48
CA ARG B 78 -21.82 -12.45 -1.37
C ARG B 78 -21.10 -12.29 -2.71
N PHE B 79 -19.77 -12.42 -2.71
CA PHE B 79 -19.04 -12.38 -3.97
C PHE B 79 -19.32 -13.62 -4.80
N TYR B 80 -19.27 -14.80 -4.18
CA TYR B 80 -19.57 -16.03 -4.90
C TYR B 80 -21.02 -16.10 -5.34
N THR B 81 -21.91 -15.32 -4.71
CA THR B 81 -23.28 -15.22 -5.18
C THR B 81 -23.33 -14.50 -6.52
N LEU B 82 -22.47 -13.49 -6.70
CA LEU B 82 -22.52 -12.67 -7.91
C LEU B 82 -21.77 -13.32 -9.07
N ILE B 83 -20.63 -13.93 -8.80
CA ILE B 83 -19.85 -14.63 -9.82
C ILE B 83 -19.72 -16.09 -9.39
N PRO B 84 -20.59 -16.96 -9.90
CA PRO B 84 -20.54 -18.38 -9.52
C PRO B 84 -19.22 -19.03 -9.94
N HIS B 85 -18.71 -19.91 -9.08
CA HIS B 85 -17.48 -20.63 -9.31
C HIS B 85 -17.75 -22.13 -9.35
N ASP B 86 -16.86 -22.87 -10.02
CA ASP B 86 -16.98 -24.32 -10.13
C ASP B 86 -16.46 -24.90 -8.82
N PHE B 87 -17.39 -25.19 -7.92
CA PHE B 87 -17.05 -25.83 -6.66
C PHE B 87 -18.03 -26.93 -6.28
N GLY B 88 -19.00 -27.25 -7.13
CA GLY B 88 -19.87 -28.38 -6.88
C GLY B 88 -20.80 -28.13 -5.71
N MET B 89 -20.89 -29.10 -4.81
CA MET B 89 -21.71 -29.00 -3.62
C MET B 89 -20.84 -28.84 -2.36
N LYS B 90 -19.70 -28.17 -2.50
CA LYS B 90 -18.81 -27.90 -1.38
C LYS B 90 -18.84 -26.41 -1.04
N LYS B 91 -18.37 -26.09 0.15
CA LYS B 91 -18.23 -24.69 0.53
C LYS B 91 -17.03 -24.09 -0.19
N PRO B 92 -17.15 -22.87 -0.71
CA PRO B 92 -16.06 -22.29 -1.52
C PRO B 92 -14.91 -21.82 -0.64
N PRO B 93 -13.77 -21.49 -1.23
CA PRO B 93 -12.66 -20.96 -0.43
C PRO B 93 -12.95 -19.53 0.04
N LEU B 94 -12.63 -19.28 1.30
CA LEU B 94 -12.93 -18.00 1.91
C LEU B 94 -11.98 -16.92 1.41
N LEU B 95 -12.52 -15.73 1.15
CA LEU B 95 -11.74 -14.56 0.75
C LEU B 95 -11.51 -13.73 2.01
N ASN B 96 -10.32 -13.86 2.60
CA ASN B 96 -10.04 -13.22 3.87
C ASN B 96 -8.79 -12.36 3.88
N ASN B 97 -7.97 -12.37 2.84
CA ASN B 97 -6.72 -11.62 2.83
C ASN B 97 -6.68 -10.72 1.60
N ALA B 98 -5.66 -9.85 1.58
CA ALA B 98 -5.47 -8.97 0.43
C ALA B 98 -5.13 -9.73 -0.83
N ASP B 99 -4.50 -10.90 -0.70
CA ASP B 99 -4.20 -11.70 -1.87
C ASP B 99 -5.47 -12.19 -2.55
N SER B 100 -6.51 -12.48 -1.75
CA SER B 100 -7.79 -12.88 -2.34
C SER B 100 -8.41 -11.74 -3.13
N VAL B 101 -8.25 -10.50 -2.64
CA VAL B 101 -8.82 -9.35 -3.34
C VAL B 101 -8.09 -9.13 -4.67
N GLN B 102 -6.76 -9.17 -4.64
CA GLN B 102 -6.00 -8.97 -5.87
C GLN B 102 -6.31 -10.04 -6.90
N ALA B 103 -6.45 -11.29 -6.45
CA ALA B 103 -6.72 -12.38 -7.38
C ALA B 103 -8.09 -12.26 -8.02
N LYS B 104 -9.12 -11.92 -7.23
CA LYS B 104 -10.45 -11.77 -7.79
C LYS B 104 -10.60 -10.49 -8.60
N ALA B 105 -9.84 -9.45 -8.27
CA ALA B 105 -9.88 -8.23 -9.08
C ALA B 105 -9.26 -8.46 -10.45
N GLU B 106 -8.17 -9.25 -10.52
CA GLU B 106 -7.57 -9.57 -11.80
C GLU B 106 -8.49 -10.46 -12.63
N MET B 107 -9.31 -11.29 -11.99
CA MET B 107 -10.28 -12.07 -12.73
C MET B 107 -11.38 -11.19 -13.29
N LEU B 108 -11.89 -10.25 -12.49
CA LEU B 108 -12.92 -9.34 -12.97
C LEU B 108 -12.39 -8.46 -14.10
N ASP B 109 -11.11 -8.08 -14.03
CA ASP B 109 -10.51 -7.33 -15.14
C ASP B 109 -10.67 -8.08 -16.46
N ASN B 110 -10.46 -9.39 -16.45
CA ASN B 110 -10.52 -10.17 -17.68
C ASN B 110 -11.95 -10.42 -18.13
N LEU B 111 -12.87 -10.68 -17.18
CA LEU B 111 -14.28 -10.82 -17.53
C LEU B 111 -14.80 -9.56 -18.20
N LEU B 112 -14.41 -8.39 -17.69
CA LEU B 112 -14.85 -7.14 -18.29
C LEU B 112 -14.33 -6.99 -19.71
N ASP B 113 -13.12 -7.48 -19.99
CA ASP B 113 -12.61 -7.44 -21.35
C ASP B 113 -13.25 -8.51 -22.23
N ILE B 114 -13.51 -9.69 -21.67
CA ILE B 114 -14.15 -10.75 -22.43
C ILE B 114 -15.57 -10.35 -22.80
N GLU B 115 -16.29 -9.71 -21.87
CA GLU B 115 -17.64 -9.24 -22.16
C GLU B 115 -17.65 -8.32 -23.37
N VAL B 116 -16.67 -7.41 -23.46
CA VAL B 116 -16.62 -6.49 -24.59
C VAL B 116 -16.44 -7.25 -25.90
N ALA B 117 -15.54 -8.25 -25.91
CA ALA B 117 -15.33 -9.03 -27.12
C ALA B 117 -16.60 -9.76 -27.54
N TYR B 118 -17.24 -10.46 -26.60
CA TYR B 118 -18.48 -11.16 -26.93
C TYR B 118 -19.59 -10.19 -27.29
N SER B 119 -19.60 -9.00 -26.68
CA SER B 119 -20.58 -7.98 -27.02
C SER B 119 -20.45 -7.57 -28.49
N LEU B 120 -19.22 -7.51 -29.00
CA LEU B 120 -19.04 -7.17 -30.40
C LEU B 120 -19.51 -8.30 -31.31
N LEU B 121 -19.24 -9.54 -30.91
CA LEU B 121 -19.57 -10.68 -31.77
C LEU B 121 -21.08 -10.81 -31.96
N ARG B 122 -21.86 -10.53 -30.92
CA ARG B 122 -23.29 -10.76 -30.95
C ARG B 122 -24.11 -9.49 -31.21
N GLY B 123 -23.47 -8.32 -31.24
CA GLY B 123 -24.23 -7.08 -31.32
C GLY B 123 -24.21 -6.37 -32.65
N GLY B 124 -24.01 -7.09 -33.75
CA GLY B 124 -23.92 -6.49 -35.05
C GLY B 124 -24.90 -7.13 -36.03
N SER B 125 -24.55 -7.02 -37.31
CA SER B 125 -25.36 -7.55 -38.40
C SER B 125 -24.77 -8.87 -38.91
N ASP B 126 -25.58 -9.60 -39.67
CA ASP B 126 -25.21 -10.92 -40.14
C ASP B 126 -25.42 -10.99 -41.65
N ASP B 127 -24.35 -11.30 -42.38
CA ASP B 127 -24.39 -11.36 -43.84
C ASP B 127 -23.45 -12.48 -44.28
N SER B 128 -24.02 -13.57 -44.80
CA SER B 128 -23.23 -14.72 -45.20
C SER B 128 -22.35 -14.44 -46.41
N SER B 129 -22.63 -13.40 -47.18
CA SER B 129 -21.82 -13.07 -48.33
C SER B 129 -20.52 -12.35 -47.96
N LYS B 130 -20.37 -11.95 -46.70
CA LYS B 130 -19.15 -11.31 -46.23
C LYS B 130 -18.31 -12.30 -45.45
N ASP B 131 -16.99 -12.22 -45.63
CA ASP B 131 -16.08 -13.02 -44.83
C ASP B 131 -16.19 -12.60 -43.38
N PRO B 132 -16.49 -13.52 -42.45
CA PRO B 132 -16.55 -13.14 -41.03
C PRO B 132 -15.27 -12.49 -40.53
N ILE B 133 -14.12 -12.81 -41.13
CA ILE B 133 -12.87 -12.17 -40.75
C ILE B 133 -12.93 -10.68 -41.05
N ASP B 134 -13.49 -10.30 -42.22
CA ASP B 134 -13.67 -8.90 -42.53
C ASP B 134 -14.68 -8.25 -41.59
N VAL B 135 -15.79 -8.96 -41.31
CA VAL B 135 -16.82 -8.42 -40.42
C VAL B 135 -16.22 -8.12 -39.06
N ASN B 136 -15.52 -9.09 -38.48
CA ASN B 136 -14.95 -8.91 -37.15
C ASN B 136 -13.81 -7.91 -37.16
N TYR B 137 -13.09 -7.78 -38.28
CA TYR B 137 -12.04 -6.78 -38.38
C TYR B 137 -12.60 -5.37 -38.21
N GLU B 138 -13.71 -5.07 -38.89
CA GLU B 138 -14.28 -3.74 -38.86
C GLU B 138 -14.84 -3.38 -37.48
N LYS B 139 -15.18 -4.38 -36.65
CA LYS B 139 -15.68 -4.10 -35.31
C LYS B 139 -14.58 -3.56 -34.39
N LEU B 140 -13.31 -3.75 -34.76
CA LEU B 140 -12.21 -3.22 -33.97
C LEU B 140 -12.01 -1.72 -34.14
N LYS B 141 -12.54 -1.13 -35.21
CA LYS B 141 -12.34 0.28 -35.52
C LYS B 141 -10.85 0.64 -35.44
N THR B 142 -10.01 -0.25 -35.95
CA THR B 142 -8.57 -0.14 -35.85
C THR B 142 -7.93 -0.55 -37.16
N ASP B 143 -7.00 0.26 -37.66
CA ASP B 143 -6.26 -0.05 -38.87
C ASP B 143 -5.03 -0.88 -38.49
N ILE B 144 -4.94 -2.09 -39.04
CA ILE B 144 -3.85 -3.01 -38.74
C ILE B 144 -3.09 -3.28 -40.03
N LYS B 145 -1.80 -2.91 -40.04
CA LYS B 145 -0.93 -3.15 -41.17
C LYS B 145 0.23 -4.04 -40.74
N VAL B 146 0.69 -4.89 -41.65
CA VAL B 146 1.84 -5.73 -41.39
C VAL B 146 3.10 -4.92 -41.61
N VAL B 147 3.96 -4.87 -40.60
CA VAL B 147 5.23 -4.16 -40.71
C VAL B 147 6.21 -5.01 -41.52
N ASP B 148 6.84 -4.42 -42.52
CA ASP B 148 7.79 -5.14 -43.35
C ASP B 148 8.96 -5.64 -42.51
N ARG B 149 9.29 -6.93 -42.68
CA ARG B 149 10.32 -7.55 -41.87
C ARG B 149 11.69 -6.89 -42.06
N ASP B 150 11.91 -6.20 -43.18
CA ASP B 150 13.20 -5.60 -43.47
C ASP B 150 13.25 -4.10 -43.18
N SER B 151 12.16 -3.51 -42.69
CA SER B 151 12.17 -2.09 -42.38
C SER B 151 13.03 -1.82 -41.14
N GLU B 152 13.36 -0.54 -40.94
CA GLU B 152 14.05 -0.14 -39.72
C GLU B 152 13.14 -0.22 -38.51
N GLU B 153 11.83 -0.10 -38.71
CA GLU B 153 10.89 -0.30 -37.60
C GLU B 153 11.07 -1.67 -36.98
N ALA B 154 10.97 -2.72 -37.80
CA ALA B 154 11.08 -4.08 -37.28
C ALA B 154 12.46 -4.35 -36.70
N GLU B 155 13.49 -3.67 -37.21
CA GLU B 155 14.84 -3.84 -36.66
C GLU B 155 14.89 -3.37 -35.22
N ILE B 156 14.45 -2.14 -34.97
CA ILE B 156 14.43 -1.60 -33.62
C ILE B 156 13.55 -2.45 -32.71
N ILE B 157 12.35 -2.81 -33.18
CA ILE B 157 11.41 -3.56 -32.36
C ILE B 157 11.98 -4.92 -32.01
N ARG B 158 12.64 -5.58 -32.97
CA ARG B 158 13.26 -6.88 -32.68
C ARG B 158 14.41 -6.73 -31.69
N LYS B 159 15.16 -5.63 -31.78
CA LYS B 159 16.23 -5.38 -30.82
C LYS B 159 15.67 -5.13 -29.42
N TYR B 160 14.55 -4.40 -29.35
CA TYR B 160 13.84 -4.23 -28.09
C TYR B 160 13.49 -5.58 -27.46
N VAL B 161 12.95 -6.49 -28.27
CA VAL B 161 12.61 -7.83 -27.76
C VAL B 161 13.88 -8.60 -27.40
N LYS B 162 14.92 -8.49 -28.22
CA LYS B 162 16.11 -9.31 -28.05
C LYS B 162 16.94 -8.87 -26.84
N ASN B 163 16.86 -7.59 -26.46
CA ASN B 163 17.74 -7.05 -25.43
C ASN B 163 17.12 -6.96 -24.05
N THR B 164 15.78 -7.03 -23.93
CA THR B 164 15.12 -6.73 -22.67
C THR B 164 14.40 -7.95 -22.09
N HIS B 165 14.93 -9.15 -22.32
CA HIS B 165 14.45 -10.37 -21.69
C HIS B 165 15.27 -10.61 -20.43
N ALA B 166 14.60 -10.58 -19.28
CA ALA B 166 15.30 -10.63 -18.00
C ALA B 166 15.82 -12.03 -17.69
N THR B 167 16.96 -12.08 -17.00
CA THR B 167 17.52 -13.35 -16.56
C THR B 167 16.54 -14.14 -15.71
N THR B 168 15.80 -13.45 -14.83
CA THR B 168 14.82 -14.12 -13.96
C THR B 168 13.64 -14.71 -14.73
N HIS B 169 13.52 -14.42 -16.03
CA HIS B 169 12.42 -14.93 -16.85
C HIS B 169 12.93 -15.85 -17.95
N ASN B 170 13.95 -16.66 -17.65
CA ASN B 170 14.58 -17.53 -18.64
C ASN B 170 13.94 -18.91 -18.73
N ALA B 171 12.80 -19.12 -18.08
CA ALA B 171 12.05 -20.35 -18.30
C ALA B 171 11.53 -20.46 -19.72
N TYR B 172 11.56 -19.37 -20.49
CA TYR B 172 11.14 -19.36 -21.88
C TYR B 172 11.95 -18.30 -22.62
N ASP B 173 11.97 -18.44 -23.95
CA ASP B 173 12.47 -17.37 -24.81
C ASP B 173 11.39 -17.02 -25.83
N LEU B 174 11.57 -15.89 -26.50
CA LEU B 174 10.53 -15.29 -27.31
C LEU B 174 10.99 -15.19 -28.76
N GLU B 175 10.10 -15.60 -29.67
CA GLU B 175 10.33 -15.47 -31.11
C GLU B 175 9.25 -14.57 -31.68
N VAL B 176 9.66 -13.48 -32.31
CA VAL B 176 8.70 -12.57 -32.93
C VAL B 176 8.20 -13.20 -34.23
N ILE B 177 6.89 -13.46 -34.29
CA ILE B 177 6.29 -14.06 -35.47
C ILE B 177 5.87 -12.96 -36.45
N ASP B 178 5.04 -12.04 -35.97
CA ASP B 178 4.48 -10.98 -36.81
C ASP B 178 4.55 -9.66 -36.06
N ILE B 179 4.82 -8.59 -36.79
CA ILE B 179 4.78 -7.23 -36.26
C ILE B 179 3.68 -6.47 -37.00
N PHE B 180 2.73 -5.93 -36.26
CA PHE B 180 1.65 -5.12 -36.81
C PHE B 180 1.77 -3.69 -36.33
N LYS B 181 1.60 -2.74 -37.25
CA LYS B 181 1.42 -1.35 -36.88
C LYS B 181 -0.08 -1.07 -36.78
N ILE B 182 -0.51 -0.56 -35.64
CA ILE B 182 -1.93 -0.40 -35.33
C ILE B 182 -2.24 1.08 -35.13
N GLU B 183 -3.46 1.45 -35.53
CA GLU B 183 -3.95 2.82 -35.40
C GLU B 183 -5.43 2.75 -35.00
N ARG B 184 -5.70 3.00 -33.73
CA ARG B 184 -7.08 3.04 -33.26
C ARG B 184 -7.75 4.32 -33.74
N GLU B 185 -9.02 4.19 -34.17
CA GLU B 185 -9.78 5.33 -34.64
C GLU B 185 -9.89 6.38 -33.54
N GLY B 186 -9.49 7.62 -33.87
CA GLY B 186 -9.59 8.73 -32.96
C GLY B 186 -8.58 8.77 -31.83
N GLU B 187 -7.72 7.76 -31.71
CA GLU B 187 -6.76 7.76 -30.60
C GLU B 187 -5.73 8.86 -30.75
N CYS B 188 -5.24 9.06 -31.99
CA CYS B 188 -4.23 10.09 -32.22
C CYS B 188 -4.75 11.48 -31.86
N GLN B 189 -6.04 11.74 -32.10
CA GLN B 189 -6.62 13.02 -31.74
C GLN B 189 -6.76 13.16 -30.23
N ARG B 190 -7.08 12.06 -29.54
CA ARG B 190 -7.16 12.09 -28.08
C ARG B 190 -5.80 12.35 -27.45
N TYR B 191 -4.73 11.88 -28.09
CA TYR B 191 -3.37 12.01 -27.59
C TYR B 191 -2.80 13.40 -27.75
N LYS B 192 -3.46 14.27 -28.51
CA LYS B 192 -2.88 15.56 -28.89
C LYS B 192 -2.36 16.40 -27.73
N PRO B 193 -3.06 16.54 -26.60
CA PRO B 193 -2.50 17.35 -25.50
C PRO B 193 -1.18 16.81 -24.97
N PHE B 194 -0.90 15.53 -25.13
CA PHE B 194 0.34 14.93 -24.67
C PHE B 194 1.31 14.61 -25.80
N LYS B 195 1.00 15.05 -27.03
CA LYS B 195 1.80 14.67 -28.20
C LYS B 195 3.25 15.07 -28.03
N GLN B 196 3.51 16.22 -27.40
CA GLN B 196 4.87 16.73 -27.27
C GLN B 196 5.33 16.83 -25.83
N LEU B 197 4.60 16.23 -24.89
CA LEU B 197 5.04 16.18 -23.51
C LEU B 197 6.39 15.49 -23.41
N HIS B 198 7.23 15.96 -22.49
CA HIS B 198 8.54 15.35 -22.31
C HIS B 198 8.40 13.98 -21.69
N ASN B 199 9.45 13.17 -21.85
CA ASN B 199 9.50 11.82 -21.30
C ASN B 199 8.44 10.93 -21.93
N ARG B 200 8.44 10.86 -23.25
CA ARG B 200 7.58 9.95 -23.99
C ARG B 200 8.40 8.71 -24.37
N ARG B 201 7.90 7.53 -23.98
CA ARG B 201 8.64 6.29 -24.13
C ARG B 201 7.79 5.23 -24.82
N LEU B 202 8.47 4.36 -25.56
CA LEU B 202 7.85 3.20 -26.18
C LEU B 202 7.93 2.03 -25.19
N LEU B 203 6.80 1.64 -24.64
CA LEU B 203 6.78 0.66 -23.55
C LEU B 203 5.85 -0.49 -23.90
N TRP B 204 6.09 -1.62 -23.22
CA TRP B 204 5.36 -2.86 -23.43
C TRP B 204 4.11 -2.94 -22.57
N HIS B 205 3.10 -3.63 -23.08
CA HIS B 205 1.96 -4.04 -22.27
C HIS B 205 1.50 -5.40 -22.79
N GLY B 206 1.65 -6.44 -21.98
CA GLY B 206 1.16 -7.75 -22.29
C GLY B 206 -0.19 -8.00 -21.65
N SER B 207 -0.92 -8.96 -22.20
CA SER B 207 -2.24 -9.31 -21.69
C SER B 207 -2.65 -10.62 -22.34
N ARG B 208 -3.68 -11.25 -21.77
CA ARG B 208 -4.24 -12.45 -22.38
C ARG B 208 -4.78 -12.12 -23.77
N THR B 209 -4.68 -13.11 -24.67
CA THR B 209 -5.24 -12.94 -26.01
C THR B 209 -6.72 -12.59 -25.97
N THR B 210 -7.45 -13.08 -24.97
CA THR B 210 -8.87 -12.84 -24.85
C THR B 210 -9.21 -11.42 -24.43
N ASN B 211 -8.21 -10.56 -24.22
CA ASN B 211 -8.46 -9.17 -23.86
C ASN B 211 -8.27 -8.20 -25.02
N PHE B 212 -7.77 -8.68 -26.16
CA PHE B 212 -7.31 -7.76 -27.19
C PHE B 212 -8.43 -7.23 -28.08
N ALA B 213 -9.54 -7.94 -28.21
CA ALA B 213 -10.70 -7.37 -28.89
C ALA B 213 -11.17 -6.11 -28.19
N GLY B 214 -11.28 -6.16 -26.86
CA GLY B 214 -11.66 -4.97 -26.11
C GLY B 214 -10.58 -3.91 -26.14
N ILE B 215 -9.31 -4.31 -26.05
CA ILE B 215 -8.23 -3.34 -26.03
C ILE B 215 -8.16 -2.60 -27.37
N LEU B 216 -8.26 -3.31 -28.48
CA LEU B 216 -8.17 -2.64 -29.77
C LEU B 216 -9.41 -1.81 -30.06
N SER B 217 -10.59 -2.25 -29.62
CA SER B 217 -11.81 -1.51 -29.89
C SER B 217 -12.01 -0.34 -28.93
N GLN B 218 -11.68 -0.52 -27.65
CA GLN B 218 -11.90 0.50 -26.64
C GLN B 218 -10.62 1.21 -26.20
N GLY B 219 -9.45 0.71 -26.56
CA GLY B 219 -8.22 1.22 -26.01
C GLY B 219 -7.92 0.62 -24.65
N LEU B 220 -6.68 0.84 -24.20
CA LEU B 220 -6.35 0.52 -22.82
C LEU B 220 -7.14 1.43 -21.89
N ARG B 221 -7.82 0.83 -20.92
CA ARG B 221 -8.70 1.55 -20.02
C ARG B 221 -8.24 1.38 -18.58
N ILE B 222 -8.80 2.20 -17.70
CA ILE B 222 -8.54 2.14 -16.26
C ILE B 222 -9.65 1.35 -15.60
N ALA B 223 -9.30 0.61 -14.55
CA ALA B 223 -10.29 -0.18 -13.82
C ALA B 223 -11.43 0.71 -13.34
N PRO B 224 -12.67 0.22 -13.35
CA PRO B 224 -13.83 1.08 -13.04
C PRO B 224 -13.80 1.56 -11.60
N PRO B 225 -14.60 2.59 -11.27
CA PRO B 225 -14.61 3.08 -9.88
C PRO B 225 -14.99 2.03 -8.86
N GLU B 226 -15.79 1.04 -9.23
CA GLU B 226 -16.19 -0.01 -8.30
C GLU B 226 -15.03 -0.94 -7.92
N ALA B 227 -13.95 -0.96 -8.71
CA ALA B 227 -12.86 -1.87 -8.43
C ALA B 227 -12.12 -1.45 -7.15
N PRO B 228 -11.71 -2.42 -6.33
CA PRO B 228 -10.94 -2.08 -5.11
C PRO B 228 -9.55 -1.60 -5.47
N VAL B 229 -9.21 -0.41 -5.00
CA VAL B 229 -7.94 0.21 -5.35
C VAL B 229 -6.76 -0.56 -4.78
N THR B 230 -6.95 -1.31 -3.70
CA THR B 230 -5.86 -2.11 -3.14
C THR B 230 -5.59 -3.37 -3.96
N GLY B 231 -6.47 -3.72 -4.90
CA GLY B 231 -6.20 -4.81 -5.80
C GLY B 231 -5.12 -4.56 -6.82
N TYR B 232 -4.55 -3.36 -6.84
CA TYR B 232 -3.53 -2.95 -7.81
C TYR B 232 -2.41 -2.25 -7.08
N MET B 233 -1.16 -2.65 -7.37
CA MET B 233 -0.02 -2.24 -6.56
C MET B 233 0.11 -0.72 -6.50
N PHE B 234 -0.08 -0.03 -7.62
CA PHE B 234 0.03 1.41 -7.66
C PHE B 234 -1.29 2.07 -8.05
N GLY B 235 -2.40 1.44 -7.67
CA GLY B 235 -3.70 2.02 -7.93
C GLY B 235 -4.22 1.69 -9.31
N LYS B 236 -5.34 2.33 -9.64
CA LYS B 236 -6.08 2.02 -10.86
C LYS B 236 -5.55 2.87 -12.00
N GLY B 237 -4.49 2.37 -12.65
CA GLY B 237 -3.95 2.98 -13.85
C GLY B 237 -3.68 1.97 -14.93
N ILE B 238 -2.98 2.37 -15.99
CA ILE B 238 -2.54 1.48 -17.06
C ILE B 238 -1.05 1.22 -16.88
N TYR B 239 -0.68 -0.06 -16.85
CA TYR B 239 0.64 -0.49 -16.43
C TYR B 239 1.49 -0.88 -17.63
N PHE B 240 2.73 -0.40 -17.67
CA PHE B 240 3.67 -0.69 -18.74
C PHE B 240 5.01 -1.13 -18.15
N ALA B 241 5.81 -1.80 -18.98
CA ALA B 241 7.15 -2.22 -18.61
C ALA B 241 8.14 -1.83 -19.70
N ASP B 242 9.41 -1.75 -19.34
CA ASP B 242 10.48 -1.56 -20.33
C ASP B 242 11.24 -2.84 -20.61
N MET B 243 10.93 -3.94 -19.90
CA MET B 243 11.48 -5.25 -20.19
C MET B 243 10.39 -6.09 -20.85
N VAL B 244 10.69 -6.62 -22.04
CA VAL B 244 9.68 -7.37 -22.78
C VAL B 244 9.21 -8.60 -22.00
N SER B 245 10.12 -9.24 -21.26
CA SER B 245 9.75 -10.45 -20.54
C SER B 245 8.80 -10.15 -19.39
N LYS B 246 8.90 -8.97 -18.78
CA LYS B 246 7.99 -8.61 -17.71
C LYS B 246 6.55 -8.49 -18.21
N SER B 247 6.36 -7.89 -19.39
CA SER B 247 5.03 -7.80 -19.97
C SER B 247 4.58 -9.12 -20.58
N ALA B 248 5.51 -9.91 -21.13
CA ALA B 248 5.12 -11.19 -21.73
C ALA B 248 4.56 -12.15 -20.69
N ASN B 249 5.03 -12.06 -19.43
CA ASN B 249 4.49 -12.93 -18.39
C ASN B 249 2.99 -12.75 -18.22
N TYR B 250 2.47 -11.56 -18.55
CA TYR B 250 1.04 -11.28 -18.41
C TYR B 250 0.23 -11.77 -19.60
N CYS B 251 0.89 -12.31 -20.64
CA CYS B 251 0.15 -13.03 -21.68
C CYS B 251 -0.46 -14.32 -21.16
N HIS B 252 0.09 -14.88 -20.08
CA HIS B 252 -0.38 -16.13 -19.48
C HIS B 252 -0.41 -17.26 -20.52
N THR B 253 0.62 -17.32 -21.35
CA THR B 253 0.79 -18.42 -22.28
C THR B 253 1.29 -19.67 -21.54
N SER B 254 1.37 -20.77 -22.28
CA SER B 254 1.74 -22.06 -21.69
C SER B 254 2.14 -23.01 -22.81
N GLN B 255 2.60 -24.20 -22.41
CA GLN B 255 2.99 -25.21 -23.39
C GLN B 255 1.78 -25.62 -24.24
N GLY B 256 0.60 -25.66 -23.65
CA GLY B 256 -0.63 -25.96 -24.36
C GLY B 256 -1.25 -24.79 -25.07
N ASP B 257 -0.65 -23.60 -24.98
CA ASP B 257 -1.08 -22.42 -25.70
C ASP B 257 0.08 -21.42 -25.79
N PRO B 258 1.07 -21.70 -26.62
CA PRO B 258 2.32 -20.92 -26.59
C PRO B 258 2.34 -19.66 -27.44
N ILE B 259 1.20 -19.17 -27.94
CA ILE B 259 1.15 -17.99 -28.79
C ILE B 259 0.53 -16.85 -27.99
N GLY B 260 1.24 -15.72 -27.91
CA GLY B 260 0.78 -14.59 -27.16
C GLY B 260 0.86 -13.30 -27.97
N LEU B 261 0.23 -12.27 -27.43
CA LEU B 261 0.17 -10.95 -28.04
C LEU B 261 0.66 -9.91 -27.05
N ILE B 262 1.43 -8.94 -27.54
CA ILE B 262 1.99 -7.90 -26.70
C ILE B 262 1.92 -6.59 -27.45
N LEU B 263 1.65 -5.51 -26.72
CA LEU B 263 1.50 -4.18 -27.29
C LEU B 263 2.78 -3.36 -27.12
N LEU B 264 3.01 -2.47 -28.06
CA LEU B 264 4.01 -1.40 -27.94
C LEU B 264 3.27 -0.08 -28.02
N GLY B 265 3.27 0.68 -26.92
CA GLY B 265 2.56 1.93 -26.85
C GLY B 265 3.48 3.09 -26.57
N GLU B 266 3.12 4.26 -27.12
CA GLU B 266 3.76 5.52 -26.74
C GLU B 266 3.05 6.06 -25.51
N VAL B 267 3.79 6.24 -24.42
CA VAL B 267 3.22 6.65 -23.14
C VAL B 267 3.87 7.96 -22.73
N ALA B 268 3.04 8.97 -22.48
CA ALA B 268 3.52 10.28 -22.03
C ALA B 268 3.64 10.24 -20.52
N LEU B 269 4.86 9.93 -20.04
CA LEU B 269 5.10 9.80 -18.62
C LEU B 269 5.30 11.16 -17.95
N GLY B 270 5.95 12.08 -18.66
CA GLY B 270 6.13 13.42 -18.12
C GLY B 270 6.92 13.42 -16.84
N ASN B 271 6.47 14.23 -15.88
CA ASN B 271 7.09 14.31 -14.57
C ASN B 271 6.69 13.08 -13.77
N MET B 272 7.64 12.18 -13.54
CA MET B 272 7.36 10.88 -12.96
C MET B 272 7.34 10.95 -11.44
N TYR B 273 6.38 10.25 -10.83
CA TYR B 273 6.32 10.05 -9.39
C TYR B 273 6.96 8.70 -9.09
N GLU B 274 8.20 8.72 -8.64
CA GLU B 274 8.98 7.50 -8.45
C GLU B 274 8.67 6.87 -7.10
N LEU B 275 8.33 5.58 -7.10
CA LEU B 275 7.98 4.86 -5.90
C LEU B 275 8.74 3.54 -5.82
N LYS B 276 8.98 3.10 -4.59
CA LYS B 276 9.71 1.85 -4.33
C LYS B 276 8.82 0.73 -3.82
N HIS B 277 7.65 1.03 -3.26
CA HIS B 277 6.79 0.02 -2.68
C HIS B 277 5.35 0.34 -3.04
N ALA B 278 4.47 -0.63 -2.74
CA ALA B 278 3.06 -0.51 -3.08
C ALA B 278 2.47 0.79 -2.57
N SER B 279 1.60 1.40 -3.38
CA SER B 279 0.99 2.68 -3.01
C SER B 279 -0.33 2.77 -3.80
N HIS B 280 -1.42 2.35 -3.17
CA HIS B 280 -2.73 2.31 -3.82
C HIS B 280 -3.33 3.72 -3.85
N ILE B 281 -2.76 4.55 -4.71
CA ILE B 281 -3.17 5.94 -4.80
C ILE B 281 -4.42 6.07 -5.66
N SER B 282 -5.21 7.10 -5.38
CA SER B 282 -6.37 7.43 -6.20
C SER B 282 -6.07 8.52 -7.23
N LYS B 283 -5.22 9.49 -6.87
CA LYS B 283 -4.80 10.54 -7.78
C LYS B 283 -3.29 10.71 -7.66
N LEU B 284 -2.71 11.41 -8.62
CA LEU B 284 -1.31 11.74 -8.49
C LEU B 284 -1.13 13.06 -7.75
N PRO B 285 -0.02 13.23 -7.03
CA PRO B 285 0.28 14.54 -6.45
C PRO B 285 0.45 15.57 -7.56
N LYS B 286 0.05 16.81 -7.25
CA LYS B 286 0.03 17.87 -8.26
C LYS B 286 1.40 18.01 -8.93
N GLY B 287 1.37 18.16 -10.24
CA GLY B 287 2.59 18.29 -11.02
C GLY B 287 3.14 16.99 -11.58
N LYS B 288 2.66 15.85 -11.11
CA LYS B 288 3.11 14.55 -11.60
C LYS B 288 2.15 14.04 -12.67
N HIS B 289 2.71 13.43 -13.71
CA HIS B 289 1.92 12.88 -14.81
C HIS B 289 1.85 11.36 -14.80
N SER B 290 2.69 10.68 -14.01
CA SER B 290 2.76 9.23 -14.05
C SER B 290 3.44 8.75 -12.77
N VAL B 291 3.43 7.43 -12.59
CA VAL B 291 4.18 6.77 -11.52
C VAL B 291 5.20 5.86 -12.17
N LYS B 292 6.44 5.90 -11.66
CA LYS B 292 7.46 4.94 -12.04
C LYS B 292 7.78 4.09 -10.81
N GLY B 293 7.45 2.80 -10.88
CA GLY B 293 7.91 1.88 -9.88
C GLY B 293 9.36 1.54 -10.16
N LEU B 294 10.27 1.90 -9.25
CA LEU B 294 11.70 1.76 -9.51
C LEU B 294 12.13 0.31 -9.36
N GLY B 295 12.74 -0.24 -10.41
CA GLY B 295 13.31 -1.56 -10.36
C GLY B 295 14.80 -1.54 -10.05
N LYS B 296 15.28 -2.65 -9.50
CA LYS B 296 16.72 -2.77 -9.24
C LYS B 296 17.51 -2.89 -10.53
N THR B 297 16.87 -3.31 -11.62
CA THR B 297 17.48 -3.42 -12.93
C THR B 297 16.72 -2.57 -13.92
N THR B 298 17.45 -1.81 -14.73
CA THR B 298 16.88 -0.94 -15.74
C THR B 298 17.63 -1.14 -17.04
N PRO B 299 16.96 -0.93 -18.19
CA PRO B 299 17.70 -0.90 -19.45
C PRO B 299 18.74 0.21 -19.43
N ASP B 300 19.91 -0.09 -19.97
CA ASP B 300 21.04 0.83 -19.98
C ASP B 300 20.64 2.15 -20.64
N PRO B 301 20.50 3.23 -19.86
CA PRO B 301 20.05 4.50 -20.44
C PRO B 301 20.99 5.07 -21.49
N SER B 302 22.24 4.58 -21.56
CA SER B 302 23.16 5.02 -22.60
C SER B 302 22.79 4.49 -23.98
N ALA B 303 22.00 3.42 -24.05
CA ALA B 303 21.64 2.81 -25.32
C ALA B 303 20.24 3.22 -25.81
N ASN B 304 19.69 4.30 -25.25
CA ASN B 304 18.38 4.77 -25.68
C ASN B 304 18.44 5.30 -27.11
N ILE B 305 17.49 4.87 -27.94
CA ILE B 305 17.36 5.36 -29.31
C ILE B 305 15.97 5.96 -29.47
N SER B 306 15.80 6.74 -30.53
CA SER B 306 14.54 7.40 -30.82
C SER B 306 13.90 6.77 -32.05
N LEU B 307 12.61 6.48 -31.95
CA LEU B 307 11.82 5.97 -33.07
C LEU B 307 10.61 6.88 -33.22
N ASP B 308 10.54 7.61 -34.33
CA ASP B 308 9.54 8.66 -34.53
C ASP B 308 9.59 9.69 -33.41
N GLY B 309 10.80 9.99 -32.95
CA GLY B 309 10.99 10.96 -31.89
C GLY B 309 10.66 10.47 -30.49
N VAL B 310 10.30 9.21 -30.33
CA VAL B 310 9.95 8.64 -29.03
C VAL B 310 11.08 7.73 -28.58
N ASP B 311 11.50 7.89 -27.33
CA ASP B 311 12.63 7.13 -26.82
C ASP B 311 12.26 5.65 -26.65
N VAL B 312 13.11 4.77 -27.17
CA VAL B 312 12.95 3.32 -27.05
C VAL B 312 14.05 2.80 -26.13
N PRO B 313 13.71 2.39 -24.90
CA PRO B 313 14.75 1.92 -23.95
C PRO B 313 15.13 0.46 -24.17
N LEU B 314 15.73 0.18 -25.33
CA LEU B 314 16.13 -1.17 -25.69
C LEU B 314 17.52 -1.54 -25.20
N GLY B 315 18.08 -0.77 -24.27
CA GLY B 315 19.37 -1.13 -23.71
C GLY B 315 19.30 -2.42 -22.92
N THR B 316 20.42 -3.12 -22.86
CA THR B 316 20.49 -4.35 -22.08
C THR B 316 20.39 -4.02 -20.59
N GLY B 317 19.85 -4.96 -19.83
CA GLY B 317 19.53 -4.70 -18.44
C GLY B 317 20.79 -4.55 -17.58
N ILE B 318 20.86 -3.45 -16.83
CA ILE B 318 21.97 -3.20 -15.91
C ILE B 318 21.39 -2.80 -14.56
N SER B 319 22.29 -2.67 -13.58
CA SER B 319 21.88 -2.24 -12.25
C SER B 319 21.49 -0.76 -12.26
N SER B 320 20.43 -0.43 -11.51
CA SER B 320 19.89 0.91 -11.50
C SER B 320 20.40 1.78 -10.35
N GLY B 321 20.95 1.17 -9.30
CA GLY B 321 21.39 1.91 -8.14
C GLY B 321 20.36 2.04 -7.03
N VAL B 322 19.09 1.74 -7.29
CA VAL B 322 18.09 1.73 -6.25
C VAL B 322 18.32 0.56 -5.31
N ASN B 323 18.25 0.82 -4.00
CA ASN B 323 18.75 -0.13 -3.02
C ASN B 323 17.66 -0.85 -2.22
N ASP B 324 16.58 -0.18 -1.84
CA ASP B 324 15.56 -0.86 -1.04
C ASP B 324 14.22 -0.90 -1.76
N THR B 325 14.23 -1.29 -3.02
CA THR B 325 13.01 -1.36 -3.80
C THR B 325 12.38 -2.74 -3.72
N SER B 326 11.08 -2.78 -3.93
CA SER B 326 10.36 -4.04 -3.97
C SER B 326 10.20 -4.57 -5.40
N LEU B 327 10.65 -3.83 -6.40
CA LEU B 327 10.48 -4.20 -7.80
C LEU B 327 11.81 -4.60 -8.40
N LEU B 328 11.83 -5.78 -9.04
CA LEU B 328 13.04 -6.20 -9.76
C LEU B 328 13.25 -5.36 -11.02
N TYR B 329 12.16 -4.94 -11.67
CA TYR B 329 12.28 -4.19 -12.91
C TYR B 329 11.30 -3.02 -12.86
N ASN B 330 11.52 -2.06 -13.77
CA ASN B 330 10.74 -0.84 -13.78
C ASN B 330 9.27 -1.13 -14.08
N GLU B 331 8.41 -0.23 -13.60
CA GLU B 331 6.99 -0.25 -13.87
C GLU B 331 6.55 1.17 -14.14
N TYR B 332 5.67 1.34 -15.12
CA TYR B 332 5.17 2.66 -15.49
C TYR B 332 3.65 2.62 -15.49
N ILE B 333 3.04 3.60 -14.82
CA ILE B 333 1.60 3.64 -14.64
C ILE B 333 1.13 5.06 -14.95
N VAL B 334 0.19 5.18 -15.89
CA VAL B 334 -0.52 6.43 -16.12
C VAL B 334 -1.96 6.23 -15.65
N TYR B 335 -2.60 7.35 -15.29
CA TYR B 335 -3.94 7.31 -14.70
C TYR B 335 -4.94 8.10 -15.54
N ASP B 336 -4.64 8.25 -16.83
CA ASP B 336 -5.50 9.00 -17.75
C ASP B 336 -5.34 8.37 -19.12
N ILE B 337 -6.42 7.79 -19.65
CA ILE B 337 -6.33 6.99 -20.86
C ILE B 337 -5.82 7.80 -22.04
N ALA B 338 -5.93 9.12 -21.99
CA ALA B 338 -5.47 9.95 -23.10
C ALA B 338 -3.96 10.00 -23.24
N GLN B 339 -3.21 9.57 -22.22
CA GLN B 339 -1.76 9.61 -22.24
C GLN B 339 -1.13 8.45 -22.98
N VAL B 340 -1.93 7.56 -23.59
CA VAL B 340 -1.43 6.38 -24.27
C VAL B 340 -1.80 6.47 -25.75
N ASN B 341 -0.85 6.12 -26.61
CA ASN B 341 -1.06 6.08 -28.05
C ASN B 341 -0.51 4.76 -28.55
N LEU B 342 -1.39 3.76 -28.74
CA LEU B 342 -0.95 2.44 -29.16
C LEU B 342 -0.31 2.49 -30.53
N LYS B 343 0.86 1.87 -30.67
CA LYS B 343 1.66 1.96 -31.88
C LYS B 343 1.87 0.63 -32.59
N TYR B 344 2.17 -0.44 -31.85
CA TYR B 344 2.47 -1.72 -32.47
C TYR B 344 1.84 -2.85 -31.68
N LEU B 345 1.57 -3.95 -32.38
CA LEU B 345 1.09 -5.19 -31.79
C LEU B 345 1.97 -6.32 -32.29
N LEU B 346 2.55 -7.08 -31.37
CA LEU B 346 3.43 -8.19 -31.71
C LEU B 346 2.76 -9.51 -31.37
N LYS B 347 2.87 -10.46 -32.27
CA LYS B 347 2.44 -11.83 -32.05
C LYS B 347 3.68 -12.67 -31.78
N LEU B 348 3.74 -13.30 -30.60
CA LEU B 348 4.96 -13.92 -30.11
C LEU B 348 4.77 -15.41 -29.92
N LYS B 349 5.81 -16.17 -30.23
CA LYS B 349 5.90 -17.58 -29.91
C LYS B 349 6.74 -17.74 -28.64
N PHE B 350 6.16 -18.36 -27.62
CA PHE B 350 6.86 -18.65 -26.38
C PHE B 350 7.47 -20.05 -26.49
N ASN B 351 8.80 -20.11 -26.45
CA ASN B 351 9.52 -21.39 -26.45
C ASN B 351 9.85 -21.74 -25.00
N PHE B 352 9.04 -22.59 -24.40
CA PHE B 352 9.21 -22.96 -22.99
C PHE B 352 10.35 -23.97 -22.87
N LYS B 353 11.39 -23.59 -22.12
CA LYS B 353 12.53 -24.47 -21.91
C LYS B 353 12.29 -25.51 -20.83
N THR B 354 11.30 -25.28 -19.96
CA THR B 354 11.00 -26.21 -18.87
C THR B 354 9.93 -27.21 -19.30
C10 A1D9M C . 3.53 4.17 13.07
C13 A1D9M C . 4.56 5.71 14.84
C15 A1D9M C . 6.09 3.80 15.07
C17 A1D9M C . 7.54 5.49 16.96
C20 A1D9M C . 7.35 7.33 18.70
C21 A1D9M C . 8.88 3.67 16.01
C22 A1D9M C . 10.17 4.40 16.36
C01 A1D9M C . -1.83 6.60 16.41
C02 A1D9M C . -1.34 5.53 15.74
C03 A1D9M C . 0.09 4.82 17.53
C04 A1D9M C . -1.34 6.84 17.76
C05 A1D9M C . -2.84 7.57 15.87
C06 A1D9M C . -3.47 7.15 14.55
C07 A1D9M C . 1.30 3.77 14.64
C08 A1D9M C . 1.41 3.15 13.38
C09 A1D9M C . 2.53 3.35 12.59
C11 A1D9M C . 3.48 4.80 14.31
C12 A1D9M C . 2.34 4.59 15.09
C14 A1D9M C . 0.06 3.52 15.48
C16 A1D9M C . 6.55 3.30 16.43
C18 A1D9M C . 6.88 6.03 15.68
C19 A1D9M C . 6.83 5.97 18.24
F01 A1D9M C . 4.63 4.38 12.30
N01 A1D9M C . -0.41 4.66 16.26
N02 A1D9M C . -0.41 5.92 18.21
N03 A1D9M C . 5.77 5.22 15.18
N04 A1D9M C . 7.74 4.03 16.86
O01 A1D9M C . -1.69 7.76 18.48
O02 A1D9M C . 0.91 4.08 18.03
O03 A1D9M C . 4.30 6.91 14.91
O04 A1D9M C . 8.68 7.18 19.21
C10 A1D9M D . -3.06 -3.04 -13.59
C13 A1D9M D . -3.59 -2.50 -16.04
C15 A1D9M D . -5.84 -3.27 -15.33
C17 A1D9M D . -6.48 -2.64 -18.11
C20 A1D9M D . -6.41 -3.91 -20.30
C21 A1D9M D . -8.42 -2.48 -16.63
C22 A1D9M D . -9.55 -3.21 -15.92
C01 A1D9M D . 2.27 -5.19 -17.08
C02 A1D9M D . 1.51 -5.40 -15.98
C03 A1D9M D . -0.27 -6.46 -17.19
C04 A1D9M D . 1.76 -5.63 -18.36
C05 A1D9M D . 3.61 -4.52 -17.07
C06 A1D9M D . 4.01 -3.95 -15.73
C07 A1D9M D . -1.38 -5.09 -14.37
C08 A1D9M D . -1.57 -4.80 -13.01
C09 A1D9M D . -2.41 -3.76 -12.61
C11 A1D9M D . -2.91 -3.29 -14.95
C12 A1D9M D . -2.05 -4.32 -15.33
C14 A1D9M D . -0.47 -6.21 -14.76
C16 A1D9M D . -6.73 -4.15 -16.20
C18 A1D9M D . -5.63 -1.74 -17.21
C19 A1D9M D . -5.64 -3.50 -19.06
F01 A1D9M D . -3.88 -2.04 -13.22
N01 A1D9M D . 0.28 -6.01 -16.01
N02 A1D9M D . 0.51 -6.24 -18.30
N03 A1D9M D . -4.94 -2.50 -16.19
N04 A1D9M D . -7.42 -3.37 -17.23
O01 A1D9M D . 2.33 -5.50 -19.43
O02 A1D9M D . -1.35 -7.01 -17.27
O03 A1D9M D . -2.89 -1.83 -16.78
O04 A1D9M D . -6.04 -5.25 -20.62
S SO4 E . -26.75 -4.38 -20.96
O1 SO4 E . -25.61 -5.16 -20.49
O2 SO4 E . -26.49 -2.96 -20.73
O3 SO4 E . -26.95 -4.60 -22.39
O4 SO4 E . -27.96 -4.78 -20.24
S SO4 F . 23.41 -4.43 -28.85
O1 SO4 F . 24.78 -4.13 -29.26
O2 SO4 F . 22.65 -3.19 -28.77
O3 SO4 F . 22.79 -5.33 -29.82
O4 SO4 F . 23.43 -5.08 -27.54
S SO4 G . 14.31 7.69 -16.61
O1 SO4 G . 14.69 8.10 -15.26
O2 SO4 G . 13.70 8.82 -17.31
O3 SO4 G . 15.50 7.24 -17.34
O4 SO4 G . 13.35 6.59 -16.53
#